data_6QKQ
#
_entry.id   6QKQ
#
_entity_poly.entity_id   1
_entity_poly.type   'polypeptide(L)'
_entity_poly.pdbx_seq_one_letter_code
;GPHMSGSGRGRGAIDREQSAAIREWARRNGHNVSTRGRIPADVIDAYHAAD
;
_entity_poly.pdbx_strand_id   A
#
# COMPACT_ATOMS: atom_id res chain seq x y z
N MET A 4 -3.51 -9.00 -5.73
CA MET A 4 -4.74 -9.67 -6.10
C MET A 4 -4.45 -10.55 -7.29
N SER A 5 -5.16 -11.68 -7.42
CA SER A 5 -5.10 -12.58 -8.59
C SER A 5 -3.79 -13.41 -8.67
N GLY A 6 -2.68 -12.75 -8.47
CA GLY A 6 -1.40 -13.39 -8.61
C GLY A 6 -0.81 -13.04 -9.93
N SER A 7 -0.88 -11.76 -10.25
CA SER A 7 -0.45 -11.24 -11.51
C SER A 7 1.06 -11.37 -11.70
N GLY A 8 1.48 -11.70 -12.91
CA GLY A 8 2.87 -11.76 -13.23
C GLY A 8 3.40 -10.38 -13.44
N ARG A 9 3.83 -9.76 -12.35
CA ARG A 9 4.27 -8.37 -12.30
C ARG A 9 3.11 -7.46 -12.64
N GLY A 10 2.18 -7.38 -11.73
CA GLY A 10 1.05 -6.49 -11.89
C GLY A 10 1.51 -5.07 -11.80
N ARG A 11 2.48 -4.85 -10.90
CA ARG A 11 3.13 -3.56 -10.70
C ARG A 11 2.17 -2.52 -10.12
N GLY A 12 2.68 -1.32 -9.93
CA GLY A 12 1.90 -0.27 -9.37
C GLY A 12 2.78 0.87 -8.95
N ALA A 13 3.09 1.71 -9.88
CA ALA A 13 3.91 2.87 -9.64
C ALA A 13 3.29 4.06 -10.31
N ILE A 14 2.88 5.00 -9.52
CA ILE A 14 2.27 6.20 -10.00
C ILE A 14 3.18 7.33 -9.62
N ASP A 15 3.26 8.33 -10.45
CA ASP A 15 4.06 9.48 -10.11
C ASP A 15 3.29 10.46 -9.27
N ARG A 16 3.11 10.01 -8.06
CA ARG A 16 2.48 10.62 -6.93
C ARG A 16 2.60 9.63 -5.85
N GLU A 17 2.65 10.07 -4.65
CA GLU A 17 2.89 9.19 -3.56
C GLU A 17 1.65 8.36 -3.23
N GLN A 18 1.79 7.06 -3.42
CA GLN A 18 0.70 6.14 -3.19
C GLN A 18 0.99 5.22 -2.00
N SER A 19 2.26 5.13 -1.62
CA SER A 19 2.70 4.13 -0.61
C SER A 19 1.94 4.27 0.72
N ALA A 20 1.78 5.50 1.19
CA ALA A 20 1.06 5.77 2.43
C ALA A 20 -0.40 5.33 2.30
N ALA A 21 -0.97 5.62 1.15
CA ALA A 21 -2.34 5.31 0.86
C ALA A 21 -2.56 3.82 0.74
N ILE A 22 -1.58 3.12 0.17
CA ILE A 22 -1.64 1.67 0.06
C ILE A 22 -1.72 1.04 1.45
N ARG A 23 -0.91 1.56 2.37
CA ARG A 23 -0.90 1.08 3.74
C ARG A 23 -2.23 1.37 4.43
N GLU A 24 -2.76 2.56 4.24
CA GLU A 24 -4.03 2.95 4.84
C GLU A 24 -5.20 2.19 4.24
N TRP A 25 -5.16 1.99 2.94
CA TRP A 25 -6.17 1.21 2.24
C TRP A 25 -6.12 -0.24 2.73
N ALA A 26 -4.91 -0.73 2.94
CA ALA A 26 -4.69 -2.06 3.46
C ALA A 26 -5.28 -2.17 4.87
N ARG A 27 -4.96 -1.19 5.71
CA ARG A 27 -5.50 -1.13 7.08
C ARG A 27 -7.02 -1.02 7.06
N ARG A 28 -7.53 -0.22 6.14
CA ARG A 28 -8.96 -0.01 5.90
C ARG A 28 -9.66 -1.33 5.55
N ASN A 29 -8.98 -2.14 4.77
CA ASN A 29 -9.53 -3.45 4.39
C ASN A 29 -9.22 -4.52 5.40
N GLY A 30 -8.27 -4.25 6.26
CA GLY A 30 -7.91 -5.19 7.29
C GLY A 30 -6.90 -6.19 6.82
N HIS A 31 -6.03 -5.75 5.93
CA HIS A 31 -5.00 -6.62 5.38
C HIS A 31 -3.84 -6.71 6.35
N ASN A 32 -2.99 -7.68 6.13
CA ASN A 32 -1.86 -7.87 7.00
C ASN A 32 -0.68 -7.07 6.51
N VAL A 33 -0.74 -5.80 6.82
CA VAL A 33 0.26 -4.81 6.52
C VAL A 33 0.38 -3.99 7.79
N SER A 34 1.56 -3.40 8.06
CA SER A 34 1.87 -2.64 9.29
C SER A 34 2.17 -3.59 10.44
N THR A 35 1.44 -4.67 10.49
CA THR A 35 1.65 -5.73 11.40
C THR A 35 2.66 -6.70 10.78
N ARG A 36 2.89 -6.48 9.50
CA ARG A 36 3.82 -7.22 8.71
C ARG A 36 4.77 -6.21 8.11
N GLY A 37 6.01 -6.60 7.93
CA GLY A 37 7.00 -5.71 7.38
C GLY A 37 6.85 -5.54 5.90
N ARG A 38 7.31 -4.40 5.39
CA ARG A 38 7.20 -4.02 3.98
C ARG A 38 5.74 -3.86 3.55
N ILE A 39 5.56 -3.65 2.28
CA ILE A 39 4.25 -3.64 1.69
C ILE A 39 4.24 -4.77 0.68
N PRO A 40 3.34 -5.75 0.82
CA PRO A 40 3.21 -6.83 -0.14
C PRO A 40 2.91 -6.31 -1.53
N ALA A 41 3.69 -6.74 -2.50
CA ALA A 41 3.52 -6.36 -3.89
C ALA A 41 2.15 -6.77 -4.38
N ASP A 42 1.66 -7.89 -3.86
CA ASP A 42 0.34 -8.39 -4.17
C ASP A 42 -0.73 -7.44 -3.62
N VAL A 43 -0.41 -6.82 -2.49
CA VAL A 43 -1.30 -5.82 -1.88
C VAL A 43 -1.30 -4.53 -2.70
N ILE A 44 -0.13 -4.15 -3.18
CA ILE A 44 0.01 -2.98 -4.06
C ILE A 44 -0.81 -3.20 -5.32
N ASP A 45 -0.67 -4.38 -5.87
CA ASP A 45 -1.40 -4.80 -7.06
C ASP A 45 -2.89 -4.82 -6.77
N ALA A 46 -3.24 -5.26 -5.59
CA ALA A 46 -4.62 -5.29 -5.14
C ALA A 46 -5.18 -3.88 -5.04
N TYR A 47 -4.39 -2.99 -4.47
CA TYR A 47 -4.72 -1.57 -4.33
C TYR A 47 -5.00 -0.95 -5.69
N HIS A 48 -4.17 -1.28 -6.64
CA HIS A 48 -4.30 -0.78 -7.98
C HIS A 48 -5.48 -1.41 -8.72
N ALA A 49 -5.69 -2.68 -8.53
CA ALA A 49 -6.79 -3.39 -9.18
C ALA A 49 -8.14 -3.02 -8.57
N ALA A 50 -8.15 -2.77 -7.27
CA ALA A 50 -9.37 -2.45 -6.56
C ALA A 50 -9.90 -1.08 -6.92
N ASP A 51 -11.04 -1.08 -7.51
CA ASP A 51 -11.73 0.12 -7.87
C ASP A 51 -12.91 0.31 -6.96
N MET A 4 -13.19 0.40 -12.57
CA MET A 4 -12.99 1.74 -13.15
C MET A 4 -11.75 2.34 -12.54
N SER A 5 -11.29 3.46 -13.09
CA SER A 5 -10.12 4.23 -12.60
C SER A 5 -8.77 3.46 -12.57
N GLY A 6 -8.62 2.52 -11.66
CA GLY A 6 -7.37 1.82 -11.49
C GLY A 6 -7.16 0.72 -12.52
N SER A 7 -6.04 0.04 -12.41
CA SER A 7 -5.66 -1.03 -13.30
C SER A 7 -4.62 -1.90 -12.57
N GLY A 8 -4.63 -3.18 -12.85
CA GLY A 8 -3.74 -4.09 -12.16
C GLY A 8 -2.37 -4.14 -12.78
N ARG A 9 -1.42 -4.68 -12.04
CA ARG A 9 -0.04 -4.82 -12.49
C ARG A 9 0.17 -6.27 -12.90
N GLY A 10 -0.28 -7.17 -12.06
CA GLY A 10 -0.22 -8.57 -12.33
C GLY A 10 1.05 -9.16 -11.85
N ARG A 11 2.10 -8.81 -12.52
CA ARG A 11 3.40 -9.31 -12.22
C ARG A 11 4.38 -8.17 -12.29
N GLY A 12 5.58 -8.40 -11.83
CA GLY A 12 6.59 -7.40 -11.90
C GLY A 12 6.86 -6.77 -10.56
N ALA A 13 7.35 -5.56 -10.60
CA ALA A 13 7.66 -4.82 -9.43
C ALA A 13 6.84 -3.57 -9.45
N ILE A 14 6.41 -3.14 -8.30
CA ILE A 14 5.56 -1.99 -8.20
C ILE A 14 6.14 -1.04 -7.16
N ASP A 15 6.38 0.17 -7.54
CA ASP A 15 6.90 1.19 -6.63
C ASP A 15 6.38 2.54 -7.03
N ARG A 16 5.91 3.30 -6.06
CA ARG A 16 5.39 4.63 -6.28
C ARG A 16 5.18 5.29 -4.93
N GLU A 17 5.08 6.60 -4.96
CA GLU A 17 4.79 7.46 -3.84
C GLU A 17 3.56 6.98 -3.07
N GLN A 18 2.57 6.43 -3.79
CA GLN A 18 1.46 5.79 -3.14
C GLN A 18 1.93 4.46 -2.60
N SER A 19 2.35 4.48 -1.37
CA SER A 19 2.83 3.30 -0.70
C SER A 19 2.29 3.25 0.73
N ALA A 20 2.34 4.39 1.42
CA ALA A 20 1.74 4.49 2.73
C ALA A 20 0.23 4.47 2.57
N ALA A 21 -0.22 5.02 1.46
CA ALA A 21 -1.62 5.05 1.07
C ALA A 21 -2.15 3.63 0.93
N ILE A 22 -1.30 2.75 0.41
CA ILE A 22 -1.65 1.35 0.22
C ILE A 22 -1.86 0.71 1.58
N ARG A 23 -0.99 1.07 2.51
CA ARG A 23 -1.06 0.57 3.86
C ARG A 23 -2.37 0.99 4.53
N GLU A 24 -2.76 2.24 4.29
CA GLU A 24 -4.02 2.78 4.82
C GLU A 24 -5.21 2.05 4.22
N TRP A 25 -5.15 1.88 2.91
CA TRP A 25 -6.18 1.16 2.16
C TRP A 25 -6.30 -0.28 2.68
N ALA A 26 -5.17 -0.90 2.91
CA ALA A 26 -5.09 -2.24 3.44
C ALA A 26 -5.72 -2.31 4.83
N ARG A 27 -5.44 -1.31 5.64
CA ARG A 27 -6.00 -1.19 6.98
C ARG A 27 -7.50 -0.94 6.95
N ARG A 28 -7.95 -0.14 5.99
CA ARG A 28 -9.39 0.13 5.82
C ARG A 28 -10.14 -1.13 5.47
N ASN A 29 -9.60 -1.89 4.54
CA ASN A 29 -10.22 -3.14 4.12
C ASN A 29 -10.08 -4.20 5.18
N GLY A 30 -9.00 -4.13 5.91
CA GLY A 30 -8.74 -5.09 6.93
C GLY A 30 -7.83 -6.18 6.45
N HIS A 31 -7.15 -5.93 5.32
CA HIS A 31 -6.19 -6.89 4.77
C HIS A 31 -4.99 -6.84 5.64
N ASN A 32 -4.70 -5.62 6.08
CA ASN A 32 -3.52 -5.27 6.84
C ASN A 32 -2.32 -5.34 5.93
N VAL A 33 -1.18 -5.01 6.42
CA VAL A 33 -0.04 -4.99 5.58
C VAL A 33 0.92 -6.11 5.99
N SER A 34 1.78 -5.82 6.93
CA SER A 34 2.74 -6.74 7.54
C SER A 34 3.44 -5.95 8.62
N THR A 35 3.12 -6.27 9.88
CA THR A 35 3.67 -5.56 11.01
C THR A 35 5.18 -5.75 11.16
N ARG A 36 5.88 -4.94 10.38
CA ARG A 36 7.34 -4.90 10.19
C ARG A 36 7.62 -3.64 9.39
N GLY A 37 6.69 -3.35 8.48
CA GLY A 37 6.84 -2.24 7.58
C GLY A 37 7.09 -2.75 6.18
N ARG A 38 6.58 -3.94 5.93
CA ARG A 38 6.77 -4.63 4.68
C ARG A 38 5.45 -4.59 3.95
N ILE A 39 5.42 -4.07 2.76
CA ILE A 39 4.19 -3.98 2.02
C ILE A 39 4.14 -5.09 0.98
N PRO A 40 3.14 -5.98 1.03
CA PRO A 40 2.96 -7.04 0.03
C PRO A 40 2.60 -6.48 -1.33
N ALA A 41 3.40 -6.82 -2.35
CA ALA A 41 3.13 -6.40 -3.74
C ALA A 41 1.80 -6.95 -4.19
N ASP A 42 1.43 -8.07 -3.59
CA ASP A 42 0.13 -8.70 -3.79
C ASP A 42 -0.98 -7.73 -3.38
N VAL A 43 -0.78 -7.10 -2.23
CA VAL A 43 -1.71 -6.11 -1.72
C VAL A 43 -1.64 -4.83 -2.56
N ILE A 44 -0.46 -4.52 -3.02
CA ILE A 44 -0.23 -3.36 -3.87
C ILE A 44 -0.97 -3.53 -5.22
N ASP A 45 -0.87 -4.72 -5.80
CA ASP A 45 -1.56 -5.03 -7.06
C ASP A 45 -3.06 -4.97 -6.84
N ALA A 46 -3.49 -5.48 -5.70
CA ALA A 46 -4.89 -5.39 -5.31
C ALA A 46 -5.32 -3.93 -5.20
N TYR A 47 -4.48 -3.13 -4.54
CA TYR A 47 -4.69 -1.70 -4.35
C TYR A 47 -4.84 -0.98 -5.69
N HIS A 48 -3.89 -1.20 -6.58
CA HIS A 48 -3.89 -0.58 -7.88
C HIS A 48 -5.07 -1.01 -8.74
N ALA A 49 -5.50 -2.24 -8.60
CA ALA A 49 -6.63 -2.74 -9.37
C ALA A 49 -7.96 -2.48 -8.69
N ALA A 50 -7.96 -2.14 -7.43
CA ALA A 50 -9.21 -1.93 -6.70
C ALA A 50 -9.78 -0.55 -6.86
N ASP A 51 -11.07 -0.53 -7.04
CA ASP A 51 -11.83 0.69 -7.07
C ASP A 51 -13.15 0.41 -6.38
N MET A 4 -9.30 -0.41 -21.00
CA MET A 4 -9.59 -0.29 -19.57
C MET A 4 -8.90 -1.38 -18.75
N SER A 5 -9.19 -2.63 -19.04
CA SER A 5 -8.60 -3.72 -18.31
C SER A 5 -7.30 -4.18 -18.95
N GLY A 6 -6.23 -4.06 -18.21
CA GLY A 6 -4.95 -4.46 -18.69
C GLY A 6 -3.86 -3.65 -18.06
N SER A 7 -2.66 -3.72 -18.64
CA SER A 7 -1.46 -3.02 -18.19
C SER A 7 -0.92 -3.57 -16.86
N GLY A 8 -1.70 -3.47 -15.81
CA GLY A 8 -1.28 -3.91 -14.52
C GLY A 8 -0.29 -2.94 -13.92
N ARG A 9 0.77 -3.44 -13.39
CA ARG A 9 1.79 -2.63 -12.78
C ARG A 9 3.16 -3.14 -13.16
N GLY A 10 4.14 -2.26 -13.18
CA GLY A 10 5.46 -2.63 -13.62
C GLY A 10 6.33 -3.12 -12.51
N ARG A 11 6.04 -2.66 -11.32
CA ARG A 11 6.81 -3.08 -10.18
C ARG A 11 6.01 -3.99 -9.28
N GLY A 12 6.71 -4.87 -8.59
CA GLY A 12 6.06 -5.76 -7.66
C GLY A 12 6.09 -5.18 -6.26
N ALA A 13 6.87 -4.15 -6.09
CA ALA A 13 6.96 -3.44 -4.84
C ALA A 13 7.10 -1.97 -5.15
N ILE A 14 6.19 -1.19 -4.67
CA ILE A 14 6.18 0.20 -4.99
C ILE A 14 6.34 1.04 -3.74
N ASP A 15 7.24 1.98 -3.83
CA ASP A 15 7.55 2.93 -2.78
C ASP A 15 8.37 4.04 -3.41
N ARG A 16 7.70 5.14 -3.66
CA ARG A 16 8.28 6.28 -4.36
C ARG A 16 7.31 7.44 -4.25
N GLU A 17 6.16 7.28 -4.88
CA GLU A 17 5.14 8.29 -4.83
C GLU A 17 4.18 7.99 -3.70
N GLN A 18 3.71 6.76 -3.64
CA GLN A 18 2.80 6.33 -2.61
C GLN A 18 3.21 4.97 -2.13
N SER A 19 2.98 4.73 -0.87
CA SER A 19 3.25 3.44 -0.27
C SER A 19 2.47 3.29 1.03
N ALA A 20 2.52 4.32 1.86
CA ALA A 20 1.81 4.33 3.12
C ALA A 20 0.29 4.25 2.91
N ALA A 21 -0.17 4.87 1.83
CA ALA A 21 -1.59 4.85 1.45
C ALA A 21 -2.04 3.43 1.17
N ILE A 22 -1.12 2.65 0.60
CA ILE A 22 -1.40 1.26 0.26
C ILE A 22 -1.57 0.47 1.56
N ARG A 23 -0.73 0.77 2.55
CA ARG A 23 -0.81 0.15 3.87
C ARG A 23 -2.14 0.46 4.54
N GLU A 24 -2.54 1.72 4.45
CA GLU A 24 -3.78 2.18 5.04
C GLU A 24 -4.99 1.55 4.35
N TRP A 25 -4.93 1.50 3.03
CA TRP A 25 -5.98 0.87 2.23
C TRP A 25 -6.07 -0.62 2.60
N ALA A 26 -4.92 -1.21 2.83
CA ALA A 26 -4.83 -2.59 3.24
C ALA A 26 -5.51 -2.78 4.60
N ARG A 27 -5.30 -1.83 5.49
CA ARG A 27 -5.94 -1.87 6.83
C ARG A 27 -7.45 -1.68 6.69
N ARG A 28 -7.81 -0.82 5.77
CA ARG A 28 -9.20 -0.55 5.41
C ARG A 28 -9.90 -1.84 4.97
N ASN A 29 -9.23 -2.63 4.17
CA ASN A 29 -9.77 -3.90 3.71
C ASN A 29 -9.67 -4.99 4.75
N GLY A 30 -8.59 -4.97 5.50
CA GLY A 30 -8.42 -5.96 6.52
C GLY A 30 -7.21 -6.82 6.31
N HIS A 31 -6.40 -6.49 5.32
CA HIS A 31 -5.16 -7.22 5.07
C HIS A 31 -4.19 -6.82 6.16
N ASN A 32 -4.23 -5.51 6.47
CA ASN A 32 -3.43 -4.87 7.52
C ASN A 32 -1.94 -4.96 7.29
N VAL A 33 -1.39 -4.01 6.58
CA VAL A 33 0.03 -3.97 6.40
C VAL A 33 0.59 -3.00 7.42
N SER A 34 0.77 -3.49 8.60
CA SER A 34 1.31 -2.76 9.71
C SER A 34 2.05 -3.73 10.59
N THR A 35 2.62 -4.72 9.96
CA THR A 35 3.36 -5.76 10.60
C THR A 35 4.83 -5.37 10.69
N ARG A 36 5.06 -4.06 10.51
CA ARG A 36 6.38 -3.44 10.48
C ARG A 36 7.24 -4.08 9.41
N GLY A 37 6.95 -3.76 8.18
CA GLY A 37 7.70 -4.35 7.12
C GLY A 37 7.29 -3.88 5.75
N ARG A 38 7.37 -4.77 4.80
CA ARG A 38 7.10 -4.47 3.42
C ARG A 38 5.61 -4.69 3.12
N ILE A 39 5.19 -4.22 1.98
CA ILE A 39 3.83 -4.36 1.54
C ILE A 39 3.76 -5.51 0.54
N PRO A 40 2.85 -6.47 0.77
CA PRO A 40 2.60 -7.55 -0.18
C PRO A 40 2.28 -7.06 -1.57
N ALA A 41 2.96 -7.63 -2.55
CA ALA A 41 2.76 -7.36 -3.97
C ALA A 41 1.30 -7.48 -4.33
N ASP A 42 0.68 -8.49 -3.75
CA ASP A 42 -0.76 -8.72 -3.86
C ASP A 42 -1.53 -7.51 -3.42
N VAL A 43 -1.16 -6.95 -2.27
CA VAL A 43 -1.86 -5.79 -1.73
C VAL A 43 -1.67 -4.59 -2.65
N ILE A 44 -0.47 -4.44 -3.16
CA ILE A 44 -0.14 -3.34 -4.06
C ILE A 44 -0.95 -3.46 -5.35
N ASP A 45 -0.96 -4.63 -5.93
CA ASP A 45 -1.67 -4.86 -7.18
C ASP A 45 -3.16 -4.67 -6.99
N ALA A 46 -3.64 -5.17 -5.86
CA ALA A 46 -5.04 -5.04 -5.50
C ALA A 46 -5.40 -3.59 -5.27
N TYR A 47 -4.48 -2.83 -4.67
CA TYR A 47 -4.66 -1.39 -4.45
C TYR A 47 -4.83 -0.69 -5.79
N HIS A 48 -4.02 -1.09 -6.74
CA HIS A 48 -4.05 -0.54 -8.08
C HIS A 48 -5.25 -1.06 -8.88
N ALA A 49 -5.74 -2.22 -8.52
CA ALA A 49 -6.86 -2.83 -9.21
C ALA A 49 -8.20 -2.35 -8.67
N ALA A 50 -8.28 -2.13 -7.38
CA ALA A 50 -9.51 -1.70 -6.75
C ALA A 50 -9.74 -0.23 -6.98
N ASP A 51 -10.94 0.10 -7.37
CA ASP A 51 -11.33 1.47 -7.58
C ASP A 51 -12.56 1.75 -6.77
N MET A 4 16.52 -2.70 1.73
CA MET A 4 16.26 -1.31 2.11
C MET A 4 16.35 -0.45 0.86
N SER A 5 15.51 0.56 0.76
CA SER A 5 15.53 1.43 -0.38
C SER A 5 16.71 2.40 -0.32
N GLY A 6 17.78 1.96 -0.91
CA GLY A 6 19.00 2.71 -1.02
C GLY A 6 19.84 2.00 -2.03
N SER A 7 20.05 0.74 -1.76
CA SER A 7 20.70 -0.14 -2.69
C SER A 7 19.57 -0.81 -3.48
N GLY A 8 19.62 -0.74 -4.79
CA GLY A 8 18.52 -1.22 -5.59
C GLY A 8 17.42 -0.17 -5.58
N ARG A 9 17.85 1.07 -5.66
CA ARG A 9 16.97 2.22 -5.59
C ARG A 9 16.25 2.46 -6.90
N GLY A 10 15.10 3.02 -6.82
CA GLY A 10 14.31 3.27 -7.97
C GLY A 10 12.95 2.68 -7.79
N ARG A 11 11.95 3.38 -8.27
CA ARG A 11 10.58 2.93 -8.18
C ARG A 11 10.04 2.74 -9.58
N GLY A 12 10.89 2.97 -10.56
CA GLY A 12 10.47 2.98 -11.93
C GLY A 12 10.18 4.40 -12.34
N ALA A 13 9.24 4.96 -11.66
CA ALA A 13 8.88 6.35 -11.78
C ALA A 13 8.82 6.86 -10.36
N ILE A 14 9.16 8.09 -10.16
CA ILE A 14 9.19 8.65 -8.82
C ILE A 14 7.78 8.81 -8.27
N ASP A 15 7.53 8.06 -7.24
CA ASP A 15 6.24 7.99 -6.58
C ASP A 15 6.47 7.92 -5.07
N ARG A 16 5.66 8.64 -4.33
CA ARG A 16 5.81 8.71 -2.89
C ARG A 16 4.45 8.67 -2.21
N GLU A 17 4.46 8.31 -0.92
CA GLU A 17 3.30 8.35 -0.01
C GLU A 17 2.26 7.25 -0.26
N GLN A 18 2.01 6.92 -1.51
CA GLN A 18 0.96 5.97 -1.85
C GLN A 18 1.28 4.56 -1.37
N SER A 19 2.55 4.25 -1.20
CA SER A 19 2.96 2.96 -0.70
C SER A 19 2.55 2.80 0.77
N ALA A 20 2.56 3.91 1.50
CA ALA A 20 2.11 3.93 2.87
C ALA A 20 0.58 3.84 2.89
N ALA A 21 -0.02 4.50 1.90
CA ALA A 21 -1.46 4.48 1.72
C ALA A 21 -1.93 3.07 1.42
N ILE A 22 -1.11 2.29 0.71
CA ILE A 22 -1.40 0.87 0.41
C ILE A 22 -1.56 0.12 1.71
N ARG A 23 -0.64 0.38 2.63
CA ARG A 23 -0.63 -0.26 3.94
C ARG A 23 -1.90 0.11 4.72
N GLU A 24 -2.26 1.38 4.69
CA GLU A 24 -3.48 1.81 5.37
C GLU A 24 -4.74 1.36 4.65
N TRP A 25 -4.69 1.27 3.35
CA TRP A 25 -5.79 0.72 2.53
C TRP A 25 -5.97 -0.76 2.89
N ALA A 26 -4.86 -1.44 3.06
CA ALA A 26 -4.86 -2.82 3.47
C ALA A 26 -5.55 -2.95 4.82
N ARG A 27 -5.20 -2.07 5.76
CA ARG A 27 -5.86 -2.02 7.06
C ARG A 27 -7.35 -1.65 6.94
N ARG A 28 -7.65 -0.79 5.98
CA ARG A 28 -9.03 -0.36 5.70
C ARG A 28 -9.87 -1.57 5.31
N ASN A 29 -9.27 -2.46 4.55
CA ASN A 29 -9.91 -3.71 4.16
C ASN A 29 -9.85 -4.74 5.28
N GLY A 30 -8.80 -4.66 6.05
CA GLY A 30 -8.65 -5.54 7.19
C GLY A 30 -7.60 -6.61 6.95
N HIS A 31 -6.62 -6.30 6.13
CA HIS A 31 -5.55 -7.23 5.82
C HIS A 31 -4.52 -7.21 6.94
N ASN A 32 -3.64 -8.19 6.94
CA ASN A 32 -2.61 -8.34 7.98
C ASN A 32 -1.34 -7.61 7.59
N VAL A 33 -1.48 -6.64 6.73
CA VAL A 33 -0.37 -5.85 6.27
C VAL A 33 -0.05 -4.80 7.30
N SER A 34 1.17 -4.75 7.72
CA SER A 34 1.57 -3.81 8.71
C SER A 34 1.75 -2.44 8.06
N THR A 35 1.56 -1.43 8.85
CA THR A 35 1.70 -0.08 8.47
C THR A 35 3.18 0.28 8.33
N ARG A 36 4.04 -0.55 8.94
CA ARG A 36 5.46 -0.39 8.88
C ARG A 36 6.12 -1.76 8.83
N GLY A 37 6.27 -2.26 7.63
CA GLY A 37 6.83 -3.57 7.42
C GLY A 37 6.90 -3.89 5.95
N ARG A 38 6.56 -5.10 5.59
CA ARG A 38 6.62 -5.54 4.21
C ARG A 38 5.24 -5.45 3.56
N ILE A 39 5.17 -4.98 2.34
CA ILE A 39 3.91 -4.87 1.64
C ILE A 39 3.79 -6.01 0.64
N PRO A 40 2.76 -6.86 0.77
CA PRO A 40 2.49 -7.93 -0.19
C PRO A 40 2.22 -7.37 -1.58
N ALA A 41 2.94 -7.89 -2.55
CA ALA A 41 2.83 -7.49 -3.95
C ALA A 41 1.42 -7.74 -4.47
N ASP A 42 0.81 -8.78 -3.93
CA ASP A 42 -0.58 -9.11 -4.20
C ASP A 42 -1.49 -8.01 -3.74
N VAL A 43 -1.17 -7.46 -2.59
CA VAL A 43 -1.93 -6.38 -2.01
C VAL A 43 -1.70 -5.09 -2.80
N ILE A 44 -0.48 -4.92 -3.29
CA ILE A 44 -0.14 -3.78 -4.13
C ILE A 44 -0.95 -3.82 -5.42
N ASP A 45 -1.03 -5.00 -6.00
CA ASP A 45 -1.81 -5.22 -7.21
C ASP A 45 -3.27 -4.91 -6.96
N ALA A 46 -3.75 -5.40 -5.84
CA ALA A 46 -5.11 -5.16 -5.40
C ALA A 46 -5.38 -3.67 -5.24
N TYR A 47 -4.46 -2.96 -4.60
CA TYR A 47 -4.55 -1.52 -4.39
C TYR A 47 -4.56 -0.79 -5.74
N HIS A 48 -3.66 -1.19 -6.61
CA HIS A 48 -3.56 -0.58 -7.94
C HIS A 48 -4.73 -0.90 -8.84
N ALA A 49 -5.41 -1.99 -8.57
CA ALA A 49 -6.59 -2.34 -9.32
C ALA A 49 -7.81 -1.65 -8.73
N ALA A 50 -7.75 -1.39 -7.44
CA ALA A 50 -8.83 -0.72 -6.73
C ALA A 50 -8.76 0.78 -6.91
N ASP A 51 -9.87 1.41 -6.73
CA ASP A 51 -9.97 2.83 -6.86
C ASP A 51 -10.70 3.36 -5.68
N MET A 4 9.73 -3.04 -6.28
CA MET A 4 9.44 -2.52 -4.97
C MET A 4 10.52 -1.52 -4.57
N SER A 5 10.08 -0.41 -4.07
CA SER A 5 10.93 0.63 -3.63
C SER A 5 10.14 1.37 -2.56
N GLY A 6 10.76 2.29 -1.89
CA GLY A 6 10.06 3.07 -0.91
C GLY A 6 10.11 2.44 0.45
N SER A 7 11.29 2.12 0.90
CA SER A 7 11.46 1.64 2.24
C SER A 7 12.06 2.76 3.09
N GLY A 8 11.18 3.54 3.70
CA GLY A 8 11.61 4.67 4.47
C GLY A 8 11.52 5.95 3.65
N ARG A 9 11.00 7.01 4.24
CA ARG A 9 10.91 8.29 3.56
C ARG A 9 11.98 9.24 4.04
N GLY A 10 12.32 10.17 3.20
CA GLY A 10 13.32 11.15 3.49
C GLY A 10 13.08 12.34 2.62
N ARG A 11 13.85 13.39 2.79
CA ARG A 11 13.61 14.58 1.98
C ARG A 11 14.32 14.49 0.65
N GLY A 12 13.59 14.00 -0.30
CA GLY A 12 14.12 13.72 -1.60
C GLY A 12 13.50 12.44 -2.07
N ALA A 13 13.06 11.66 -1.11
CA ALA A 13 12.35 10.45 -1.37
C ALA A 13 10.88 10.77 -1.30
N ILE A 14 10.43 11.33 -2.36
CA ILE A 14 9.11 11.83 -2.50
C ILE A 14 8.22 10.69 -2.90
N ASP A 15 6.99 10.73 -2.48
CA ASP A 15 6.09 9.63 -2.72
C ASP A 15 5.60 9.59 -4.14
N ARG A 16 6.31 8.80 -4.93
CA ARG A 16 5.92 8.52 -6.30
C ARG A 16 4.86 7.46 -6.24
N GLU A 17 5.18 6.41 -5.54
CA GLU A 17 4.29 5.33 -5.28
C GLU A 17 3.99 5.39 -3.79
N GLN A 18 2.74 5.55 -3.46
CA GLN A 18 2.35 5.76 -2.08
C GLN A 18 2.18 4.47 -1.30
N SER A 19 3.30 3.97 -0.82
CA SER A 19 3.36 2.74 -0.05
C SER A 19 2.53 2.85 1.25
N ALA A 20 2.53 4.04 1.84
CA ALA A 20 1.81 4.31 3.08
C ALA A 20 0.32 4.17 2.88
N ALA A 21 -0.16 4.76 1.80
CA ALA A 21 -1.57 4.75 1.45
C ALA A 21 -2.05 3.33 1.18
N ILE A 22 -1.19 2.53 0.57
CA ILE A 22 -1.50 1.13 0.29
C ILE A 22 -1.77 0.38 1.59
N ARG A 23 -0.92 0.61 2.58
CA ARG A 23 -1.06 0.01 3.92
C ARG A 23 -2.36 0.44 4.57
N GLU A 24 -2.62 1.73 4.48
CA GLU A 24 -3.81 2.32 5.08
C GLU A 24 -5.08 1.82 4.41
N TRP A 25 -5.07 1.75 3.09
CA TRP A 25 -6.18 1.18 2.32
C TRP A 25 -6.37 -0.29 2.68
N ALA A 26 -5.26 -1.00 2.77
CA ALA A 26 -5.27 -2.41 3.08
C ALA A 26 -5.91 -2.70 4.41
N ARG A 27 -5.43 -2.02 5.43
CA ARG A 27 -5.92 -2.20 6.78
C ARG A 27 -7.35 -1.69 6.92
N ARG A 28 -7.68 -0.66 6.13
CA ARG A 28 -9.03 -0.10 6.09
C ARG A 28 -9.99 -1.15 5.54
N ASN A 29 -9.57 -1.83 4.47
CA ASN A 29 -10.36 -2.92 3.88
C ASN A 29 -10.50 -4.04 4.84
N GLY A 30 -9.40 -4.52 5.31
CA GLY A 30 -9.41 -5.61 6.23
C GLY A 30 -8.28 -6.57 5.97
N HIS A 31 -7.19 -6.07 5.43
CA HIS A 31 -6.02 -6.89 5.18
C HIS A 31 -5.07 -6.63 6.34
N ASN A 32 -4.44 -7.64 6.84
CA ASN A 32 -3.58 -7.48 8.01
C ASN A 32 -2.17 -7.15 7.57
N VAL A 33 -1.91 -5.89 7.38
CA VAL A 33 -0.60 -5.43 6.97
C VAL A 33 0.08 -4.76 8.15
N SER A 34 1.32 -5.12 8.39
CA SER A 34 2.11 -4.58 9.46
C SER A 34 2.39 -3.08 9.23
N THR A 35 2.76 -2.40 10.29
CA THR A 35 3.10 -1.01 10.23
C THR A 35 4.35 -0.83 9.38
N ARG A 36 5.35 -1.67 9.64
CA ARG A 36 6.55 -1.76 8.85
C ARG A 36 6.89 -3.20 8.59
N GLY A 37 7.61 -3.43 7.54
CA GLY A 37 8.02 -4.76 7.19
C GLY A 37 8.06 -4.88 5.70
N ARG A 38 7.45 -5.90 5.18
CA ARG A 38 7.38 -6.05 3.74
C ARG A 38 5.96 -5.83 3.32
N ILE A 39 5.78 -5.13 2.25
CA ILE A 39 4.47 -4.86 1.75
C ILE A 39 4.21 -5.81 0.61
N PRO A 40 3.19 -6.67 0.73
CA PRO A 40 2.84 -7.61 -0.33
C PRO A 40 2.55 -6.92 -1.64
N ALA A 41 3.30 -7.31 -2.66
CA ALA A 41 3.13 -6.79 -4.01
C ALA A 41 1.73 -7.11 -4.52
N ASP A 42 1.22 -8.22 -4.03
CA ASP A 42 -0.14 -8.65 -4.32
C ASP A 42 -1.15 -7.66 -3.76
N VAL A 43 -0.86 -7.14 -2.58
CA VAL A 43 -1.73 -6.14 -1.95
C VAL A 43 -1.59 -4.81 -2.71
N ILE A 44 -0.39 -4.53 -3.15
CA ILE A 44 -0.10 -3.35 -3.94
C ILE A 44 -0.89 -3.39 -5.25
N ASP A 45 -0.86 -4.54 -5.91
CA ASP A 45 -1.58 -4.73 -7.15
C ASP A 45 -3.07 -4.63 -6.90
N ALA A 46 -3.49 -5.18 -5.77
CA ALA A 46 -4.87 -5.12 -5.33
C ALA A 46 -5.31 -3.66 -5.17
N TYR A 47 -4.44 -2.87 -4.55
CA TYR A 47 -4.66 -1.45 -4.34
C TYR A 47 -4.81 -0.72 -5.66
N HIS A 48 -3.91 -1.02 -6.57
CA HIS A 48 -3.90 -0.40 -7.88
C HIS A 48 -5.00 -0.93 -8.79
N ALA A 49 -5.57 -2.06 -8.46
CA ALA A 49 -6.65 -2.62 -9.25
C ALA A 49 -8.02 -2.19 -8.71
N ALA A 50 -8.15 -2.10 -7.40
CA ALA A 50 -9.43 -1.75 -6.78
C ALA A 50 -9.77 -0.31 -7.01
N ASP A 51 -11.02 -0.05 -7.23
CA ASP A 51 -11.51 1.28 -7.42
C ASP A 51 -12.24 1.68 -6.18
N MET A 4 -15.06 26.80 5.30
CA MET A 4 -15.60 26.60 3.96
C MET A 4 -14.74 25.55 3.30
N SER A 5 -15.36 24.52 2.76
CA SER A 5 -14.64 23.43 2.16
C SER A 5 -14.02 23.83 0.83
N GLY A 6 -12.82 24.33 0.90
CA GLY A 6 -12.10 24.72 -0.26
C GLY A 6 -11.23 23.59 -0.70
N SER A 7 -11.83 22.65 -1.39
CA SER A 7 -11.12 21.52 -1.91
C SER A 7 -10.20 21.98 -3.03
N GLY A 8 -8.94 21.91 -2.77
CA GLY A 8 -7.97 22.32 -3.74
C GLY A 8 -6.75 21.49 -3.61
N ARG A 9 -5.95 21.45 -4.64
CA ARG A 9 -4.77 20.65 -4.62
C ARG A 9 -3.57 21.56 -4.79
N GLY A 10 -2.49 21.25 -4.11
CA GLY A 10 -1.29 22.03 -4.23
C GLY A 10 -0.12 21.16 -4.56
N ARG A 11 0.02 20.82 -5.82
CA ARG A 11 1.09 19.96 -6.27
C ARG A 11 2.38 20.72 -6.57
N GLY A 12 3.22 20.83 -5.57
CA GLY A 12 4.55 21.39 -5.75
C GLY A 12 5.54 20.26 -5.91
N ALA A 13 5.09 19.09 -5.54
CA ALA A 13 5.80 17.88 -5.68
C ALA A 13 4.95 16.96 -6.50
N ILE A 14 5.55 15.98 -7.10
CA ILE A 14 4.81 15.09 -7.95
C ILE A 14 4.35 13.89 -7.15
N ASP A 15 3.09 13.58 -7.26
CA ASP A 15 2.51 12.47 -6.54
C ASP A 15 2.69 11.17 -7.31
N ARG A 16 3.51 10.31 -6.79
CA ARG A 16 3.81 9.01 -7.38
C ARG A 16 4.07 8.07 -6.29
N GLU A 17 3.62 6.83 -6.42
CA GLU A 17 3.95 5.76 -5.49
C GLU A 17 3.44 6.08 -4.07
N GLN A 18 2.34 5.52 -3.71
CA GLN A 18 1.78 5.80 -2.41
C GLN A 18 1.79 4.59 -1.52
N SER A 19 2.96 4.22 -1.04
CA SER A 19 3.11 3.06 -0.19
C SER A 19 2.29 3.15 1.10
N ALA A 20 2.21 4.34 1.69
CA ALA A 20 1.45 4.52 2.91
C ALA A 20 -0.03 4.36 2.62
N ALA A 21 -0.49 4.96 1.53
CA ALA A 21 -1.88 4.86 1.13
C ALA A 21 -2.28 3.41 0.86
N ILE A 22 -1.34 2.62 0.33
CA ILE A 22 -1.57 1.19 0.12
C ILE A 22 -1.83 0.50 1.45
N ARG A 23 -0.98 0.81 2.44
CA ARG A 23 -1.09 0.25 3.79
C ARG A 23 -2.42 0.65 4.41
N GLU A 24 -2.78 1.89 4.21
CA GLU A 24 -3.99 2.46 4.79
C GLU A 24 -5.21 1.86 4.14
N TRP A 25 -5.14 1.64 2.85
CA TRP A 25 -6.22 0.98 2.12
C TRP A 25 -6.34 -0.47 2.63
N ALA A 26 -5.21 -1.10 2.82
CA ALA A 26 -5.16 -2.43 3.31
C ALA A 26 -5.71 -2.50 4.75
N ARG A 27 -5.41 -1.49 5.57
CA ARG A 27 -5.95 -1.44 6.94
C ARG A 27 -7.43 -1.03 6.93
N ARG A 28 -7.79 -0.21 5.95
CA ARG A 28 -9.18 0.25 5.70
C ARG A 28 -10.07 -0.96 5.48
N ASN A 29 -9.55 -1.91 4.73
CA ASN A 29 -10.23 -3.18 4.50
C ASN A 29 -10.01 -4.11 5.68
N GLY A 30 -8.76 -4.37 5.96
CA GLY A 30 -8.40 -5.27 7.02
C GLY A 30 -7.60 -6.42 6.47
N HIS A 31 -6.60 -6.10 5.69
CA HIS A 31 -5.73 -7.11 5.10
C HIS A 31 -4.53 -7.28 6.01
N ASN A 32 -3.77 -8.33 5.78
CA ASN A 32 -2.58 -8.59 6.59
C ASN A 32 -1.44 -7.70 6.13
N VAL A 33 -1.35 -6.54 6.73
CA VAL A 33 -0.32 -5.58 6.38
C VAL A 33 0.95 -5.86 7.15
N SER A 34 0.81 -5.92 8.47
CA SER A 34 1.91 -6.04 9.39
C SER A 34 2.81 -4.81 9.25
N THR A 35 2.29 -3.71 9.76
CA THR A 35 2.91 -2.40 9.69
C THR A 35 4.30 -2.35 10.32
N ARG A 36 5.30 -2.45 9.46
CA ARG A 36 6.70 -2.35 9.80
C ARG A 36 7.42 -1.74 8.62
N GLY A 37 7.69 -2.56 7.62
CA GLY A 37 8.34 -2.07 6.43
C GLY A 37 8.15 -3.02 5.28
N ARG A 38 6.98 -3.65 5.22
CA ARG A 38 6.68 -4.61 4.18
C ARG A 38 5.23 -4.51 3.78
N ILE A 39 4.93 -4.87 2.55
CA ILE A 39 3.56 -4.89 2.05
C ILE A 39 3.45 -6.08 1.09
N PRO A 40 2.41 -6.92 1.23
CA PRO A 40 2.15 -7.98 0.26
C PRO A 40 2.00 -7.42 -1.14
N ALA A 41 2.72 -8.01 -2.07
CA ALA A 41 2.70 -7.59 -3.47
C ALA A 41 1.30 -7.76 -4.02
N ASP A 42 0.61 -8.77 -3.51
CA ASP A 42 -0.77 -9.03 -3.88
C ASP A 42 -1.65 -7.89 -3.42
N VAL A 43 -1.32 -7.35 -2.25
CA VAL A 43 -2.06 -6.20 -1.72
C VAL A 43 -1.78 -4.95 -2.55
N ILE A 44 -0.52 -4.77 -2.91
CA ILE A 44 -0.10 -3.64 -3.75
C ILE A 44 -0.83 -3.67 -5.09
N ASP A 45 -0.81 -4.81 -5.73
CA ASP A 45 -1.44 -4.97 -7.03
C ASP A 45 -2.95 -4.83 -6.93
N ALA A 46 -3.50 -5.35 -5.85
CA ALA A 46 -4.92 -5.24 -5.57
C ALA A 46 -5.31 -3.78 -5.42
N TYR A 47 -4.49 -3.04 -4.69
CA TYR A 47 -4.67 -1.60 -4.50
C TYR A 47 -4.66 -0.86 -5.82
N HIS A 48 -3.71 -1.21 -6.69
CA HIS A 48 -3.59 -0.59 -8.00
C HIS A 48 -4.72 -1.00 -8.94
N ALA A 49 -5.33 -2.14 -8.68
CA ALA A 49 -6.47 -2.58 -9.47
C ALA A 49 -7.78 -2.01 -8.88
N ALA A 50 -7.73 -1.63 -7.62
CA ALA A 50 -8.89 -1.11 -6.92
C ALA A 50 -9.01 0.40 -7.06
N ASP A 51 -10.22 0.85 -6.87
CA ASP A 51 -10.55 2.25 -6.83
C ASP A 51 -11.58 2.42 -5.73
N MET A 4 16.05 19.53 -7.65
CA MET A 4 15.59 18.44 -6.78
C MET A 4 15.03 17.31 -7.64
N SER A 5 13.96 17.61 -8.33
CA SER A 5 13.36 16.65 -9.23
C SER A 5 13.14 17.30 -10.59
N GLY A 6 12.66 18.52 -10.57
CA GLY A 6 12.41 19.25 -11.77
C GLY A 6 11.16 18.76 -12.44
N SER A 7 11.08 18.95 -13.71
CA SER A 7 9.97 18.49 -14.45
C SER A 7 10.45 17.52 -15.50
N GLY A 8 9.66 16.51 -15.78
CA GLY A 8 10.00 15.60 -16.84
C GLY A 8 9.66 16.28 -18.13
N ARG A 9 8.50 16.92 -18.10
CA ARG A 9 7.99 17.80 -19.15
C ARG A 9 7.89 17.12 -20.52
N GLY A 10 6.74 16.59 -20.80
CA GLY A 10 6.49 15.93 -22.03
C GLY A 10 5.62 14.75 -21.79
N ARG A 11 6.23 13.66 -21.38
CA ARG A 11 5.51 12.45 -21.06
C ARG A 11 4.88 12.60 -19.69
N GLY A 12 5.56 13.29 -18.84
CA GLY A 12 5.11 13.50 -17.50
C GLY A 12 6.30 13.53 -16.60
N ALA A 13 6.18 12.97 -15.43
CA ALA A 13 7.27 12.90 -14.50
C ALA A 13 7.21 11.59 -13.78
N ILE A 14 8.36 11.04 -13.51
CA ILE A 14 8.45 9.79 -12.79
C ILE A 14 8.41 10.11 -11.32
N ASP A 15 7.40 9.66 -10.68
CA ASP A 15 7.18 10.00 -9.29
C ASP A 15 7.37 8.77 -8.39
N ARG A 16 6.96 8.86 -7.17
CA ARG A 16 7.17 7.85 -6.17
C ARG A 16 6.01 6.94 -6.05
N GLU A 17 6.07 6.13 -5.06
CA GLU A 17 5.09 5.19 -4.75
C GLU A 17 4.40 5.63 -3.47
N GLN A 18 3.10 5.62 -3.44
CA GLN A 18 2.37 6.00 -2.23
C GLN A 18 2.15 4.79 -1.34
N SER A 19 3.25 4.18 -1.01
CA SER A 19 3.34 2.95 -0.22
C SER A 19 2.54 3.03 1.09
N ALA A 20 2.68 4.15 1.79
CA ALA A 20 1.96 4.39 3.05
C ALA A 20 0.45 4.28 2.85
N ALA A 21 -0.05 4.91 1.79
CA ALA A 21 -1.48 4.92 1.49
C ALA A 21 -1.98 3.52 1.16
N ILE A 22 -1.10 2.74 0.54
CA ILE A 22 -1.41 1.34 0.22
C ILE A 22 -1.63 0.54 1.51
N ARG A 23 -0.80 0.82 2.53
CA ARG A 23 -0.93 0.13 3.81
C ARG A 23 -2.20 0.57 4.51
N GLU A 24 -2.51 1.86 4.38
CA GLU A 24 -3.71 2.42 4.99
C GLU A 24 -4.95 1.79 4.37
N TRP A 25 -4.93 1.68 3.05
CA TRP A 25 -5.99 1.03 2.28
C TRP A 25 -6.11 -0.44 2.69
N ALA A 26 -4.97 -1.09 2.82
CA ALA A 26 -4.92 -2.49 3.22
C ALA A 26 -5.59 -2.69 4.58
N ARG A 27 -5.24 -1.84 5.53
CA ARG A 27 -5.82 -1.90 6.87
C ARG A 27 -7.28 -1.46 6.85
N ARG A 28 -7.59 -0.55 5.94
CA ARG A 28 -8.96 -0.07 5.74
C ARG A 28 -9.84 -1.25 5.31
N ASN A 29 -9.30 -2.09 4.48
CA ASN A 29 -9.99 -3.28 4.04
C ASN A 29 -9.98 -4.33 5.13
N GLY A 30 -8.82 -4.68 5.59
CA GLY A 30 -8.69 -5.68 6.61
C GLY A 30 -7.61 -6.68 6.29
N HIS A 31 -6.63 -6.25 5.53
CA HIS A 31 -5.52 -7.11 5.19
C HIS A 31 -4.49 -6.88 6.27
N ASN A 32 -3.81 -7.91 6.68
CA ASN A 32 -2.89 -7.78 7.81
C ASN A 32 -1.53 -7.23 7.39
N VAL A 33 -1.55 -6.06 6.83
CA VAL A 33 -0.37 -5.35 6.45
C VAL A 33 -0.05 -4.42 7.58
N SER A 34 1.06 -4.63 8.19
CA SER A 34 1.41 -3.89 9.35
C SER A 34 2.41 -2.76 9.00
N THR A 35 2.74 -1.98 9.99
CA THR A 35 3.69 -0.93 9.89
C THR A 35 5.10 -1.52 9.79
N ARG A 36 5.34 -2.49 10.64
CA ARG A 36 6.58 -3.21 10.66
C ARG A 36 6.42 -4.43 9.77
N GLY A 37 6.83 -4.30 8.54
CA GLY A 37 6.70 -5.38 7.62
C GLY A 37 6.69 -4.88 6.21
N ARG A 38 6.69 -5.81 5.29
CA ARG A 38 6.68 -5.52 3.87
C ARG A 38 5.26 -5.29 3.39
N ILE A 39 5.12 -4.49 2.36
CA ILE A 39 3.86 -4.36 1.69
C ILE A 39 3.79 -5.44 0.62
N PRO A 40 2.83 -6.36 0.70
CA PRO A 40 2.65 -7.40 -0.31
C PRO A 40 2.40 -6.80 -1.68
N ALA A 41 3.15 -7.27 -2.66
CA ALA A 41 2.99 -6.87 -4.06
C ALA A 41 1.59 -7.19 -4.53
N ASP A 42 1.04 -8.27 -3.98
CA ASP A 42 -0.34 -8.67 -4.25
C ASP A 42 -1.28 -7.58 -3.78
N VAL A 43 -0.96 -7.00 -2.62
CA VAL A 43 -1.73 -5.90 -2.05
C VAL A 43 -1.57 -4.65 -2.91
N ILE A 44 -0.36 -4.40 -3.38
CA ILE A 44 -0.07 -3.24 -4.22
C ILE A 44 -0.89 -3.32 -5.52
N ASP A 45 -0.87 -4.47 -6.15
CA ASP A 45 -1.62 -4.70 -7.40
C ASP A 45 -3.11 -4.63 -7.13
N ALA A 46 -3.53 -5.17 -5.99
CA ALA A 46 -4.92 -5.12 -5.58
C ALA A 46 -5.36 -3.68 -5.36
N TYR A 47 -4.50 -2.91 -4.72
CA TYR A 47 -4.71 -1.48 -4.49
C TYR A 47 -4.91 -0.75 -5.80
N HIS A 48 -4.04 -1.01 -6.74
CA HIS A 48 -4.08 -0.36 -8.04
C HIS A 48 -5.25 -0.85 -8.91
N ALA A 49 -5.71 -2.06 -8.67
CA ALA A 49 -6.80 -2.62 -9.45
C ALA A 49 -8.19 -2.33 -8.85
N ALA A 50 -8.26 -2.19 -7.54
CA ALA A 50 -9.54 -1.96 -6.87
C ALA A 50 -9.88 -0.47 -6.83
N ASP A 51 -11.12 -0.17 -7.12
CA ASP A 51 -11.60 1.20 -7.11
C ASP A 51 -12.23 1.50 -5.79
N MET A 4 16.19 13.47 20.36
CA MET A 4 14.93 14.19 20.45
C MET A 4 14.72 14.95 19.16
N SER A 5 13.73 14.58 18.41
CA SER A 5 13.43 15.23 17.16
C SER A 5 12.74 16.58 17.43
N GLY A 6 13.14 17.59 16.68
CA GLY A 6 12.57 18.91 16.87
C GLY A 6 12.29 19.57 15.55
N SER A 7 11.89 18.78 14.59
CA SER A 7 11.59 19.28 13.27
C SER A 7 10.32 18.62 12.76
N GLY A 8 9.21 19.31 12.88
CA GLY A 8 7.93 18.76 12.50
C GLY A 8 7.65 18.86 11.01
N ARG A 9 8.22 17.95 10.25
CA ARG A 9 7.95 17.86 8.83
C ARG A 9 8.15 16.42 8.38
N GLY A 10 7.06 15.73 8.13
CA GLY A 10 7.10 14.36 7.70
C GLY A 10 6.37 14.16 6.39
N ARG A 11 5.95 15.25 5.82
CA ARG A 11 5.26 15.25 4.56
C ARG A 11 6.01 16.11 3.57
N GLY A 12 5.42 16.31 2.43
CA GLY A 12 6.08 17.03 1.39
C GLY A 12 6.77 16.05 0.50
N ALA A 13 6.01 15.07 0.09
CA ALA A 13 6.54 13.98 -0.65
C ALA A 13 5.95 13.99 -2.03
N ILE A 14 6.64 13.42 -2.93
CA ILE A 14 6.22 13.42 -4.29
C ILE A 14 5.60 12.06 -4.63
N ASP A 15 4.80 12.02 -5.66
CA ASP A 15 4.18 10.80 -6.14
C ASP A 15 5.18 9.96 -6.91
N ARG A 16 5.23 8.71 -6.56
CA ARG A 16 6.08 7.71 -7.18
C ARG A 16 5.79 6.43 -6.45
N GLU A 17 6.00 6.49 -5.15
CA GLU A 17 5.71 5.41 -4.28
C GLU A 17 4.97 5.96 -3.08
N GLN A 18 3.72 5.64 -2.98
CA GLN A 18 2.98 6.00 -1.81
C GLN A 18 2.62 4.77 -1.04
N SER A 19 3.60 4.30 -0.32
CA SER A 19 3.53 3.09 0.43
C SER A 19 2.58 3.22 1.62
N ALA A 20 2.53 4.42 2.19
CA ALA A 20 1.66 4.67 3.31
C ALA A 20 0.21 4.56 2.87
N ALA A 21 -0.09 5.11 1.68
CA ALA A 21 -1.44 5.07 1.13
C ALA A 21 -1.89 3.62 0.91
N ILE A 22 -0.98 2.81 0.41
CA ILE A 22 -1.26 1.40 0.17
C ILE A 22 -1.52 0.69 1.52
N ARG A 23 -0.75 1.05 2.54
CA ARG A 23 -0.92 0.47 3.87
C ARG A 23 -2.22 0.93 4.50
N GLU A 24 -2.63 2.17 4.25
CA GLU A 24 -3.90 2.71 4.76
C GLU A 24 -5.07 1.92 4.19
N TRP A 25 -5.02 1.69 2.89
CA TRP A 25 -6.05 0.93 2.19
C TRP A 25 -6.03 -0.52 2.71
N ALA A 26 -4.83 -1.04 2.90
CA ALA A 26 -4.63 -2.38 3.40
C ALA A 26 -5.23 -2.52 4.80
N ARG A 27 -4.98 -1.56 5.67
CA ARG A 27 -5.52 -1.57 7.02
C ARG A 27 -7.02 -1.39 7.04
N ARG A 28 -7.55 -0.62 6.06
CA ARG A 28 -9.00 -0.45 5.91
C ARG A 28 -9.65 -1.79 5.64
N ASN A 29 -9.04 -2.55 4.75
CA ASN A 29 -9.53 -3.89 4.41
C ASN A 29 -9.25 -4.86 5.52
N GLY A 30 -8.13 -4.68 6.16
CA GLY A 30 -7.76 -5.55 7.24
C GLY A 30 -6.71 -6.55 6.80
N HIS A 31 -5.88 -6.15 5.85
CA HIS A 31 -4.80 -7.00 5.39
C HIS A 31 -3.66 -6.85 6.36
N ASN A 32 -2.88 -7.89 6.52
CA ASN A 32 -1.78 -7.87 7.47
C ASN A 32 -0.57 -7.11 6.95
N VAL A 33 -0.69 -5.81 6.89
CA VAL A 33 0.39 -4.93 6.45
C VAL A 33 0.47 -3.77 7.45
N SER A 34 -0.26 -3.95 8.54
CA SER A 34 -0.45 -2.98 9.56
C SER A 34 0.88 -2.54 10.23
N THR A 35 1.45 -3.40 11.04
CA THR A 35 2.66 -3.06 11.75
C THR A 35 3.91 -3.57 11.03
N ARG A 36 3.70 -4.27 9.94
CA ARG A 36 4.79 -4.85 9.19
C ARG A 36 4.90 -4.11 7.86
N GLY A 37 6.01 -3.43 7.67
CA GLY A 37 6.17 -2.51 6.55
C GLY A 37 6.49 -3.14 5.21
N ARG A 38 6.58 -4.45 5.13
CA ARG A 38 6.81 -5.08 3.84
C ARG A 38 5.46 -5.30 3.19
N ILE A 39 5.19 -4.56 2.15
CA ILE A 39 3.91 -4.65 1.49
C ILE A 39 3.94 -5.74 0.45
N PRO A 40 3.00 -6.69 0.51
CA PRO A 40 2.82 -7.69 -0.54
C PRO A 40 2.55 -7.04 -1.88
N ALA A 41 3.25 -7.49 -2.90
CA ALA A 41 3.06 -7.01 -4.27
C ALA A 41 1.63 -7.32 -4.71
N ASP A 42 1.12 -8.43 -4.17
CA ASP A 42 -0.25 -8.86 -4.36
C ASP A 42 -1.20 -7.79 -3.86
N VAL A 43 -0.87 -7.23 -2.69
CA VAL A 43 -1.68 -6.17 -2.09
C VAL A 43 -1.58 -4.90 -2.92
N ILE A 44 -0.39 -4.61 -3.40
CA ILE A 44 -0.16 -3.44 -4.23
C ILE A 44 -0.99 -3.54 -5.52
N ASP A 45 -0.99 -4.70 -6.13
CA ASP A 45 -1.76 -4.95 -7.34
C ASP A 45 -3.24 -4.82 -7.06
N ALA A 46 -3.65 -5.34 -5.91
CA ALA A 46 -5.04 -5.28 -5.48
C ALA A 46 -5.46 -3.81 -5.26
N TYR A 47 -4.56 -3.05 -4.67
CA TYR A 47 -4.75 -1.62 -4.41
C TYR A 47 -4.91 -0.84 -5.72
N HIS A 48 -4.10 -1.19 -6.70
CA HIS A 48 -4.14 -0.55 -8.00
C HIS A 48 -5.33 -1.02 -8.84
N ALA A 49 -5.79 -2.23 -8.58
CA ALA A 49 -6.93 -2.78 -9.29
C ALA A 49 -8.25 -2.27 -8.69
N ALA A 50 -8.28 -2.12 -7.39
CA ALA A 50 -9.48 -1.66 -6.70
C ALA A 50 -9.67 -0.17 -6.87
N ASP A 51 -10.66 0.19 -7.63
CA ASP A 51 -10.95 1.58 -7.90
C ASP A 51 -12.05 2.05 -7.01
N MET A 4 7.48 -28.94 8.81
CA MET A 4 8.23 -27.90 9.49
C MET A 4 8.08 -26.59 8.74
N SER A 5 8.04 -25.50 9.45
CA SER A 5 7.87 -24.21 8.85
C SER A 5 9.03 -23.30 9.23
N GLY A 6 9.39 -22.41 8.33
CA GLY A 6 10.46 -21.49 8.60
C GLY A 6 9.94 -20.09 8.76
N SER A 7 10.82 -19.13 8.65
CA SER A 7 10.47 -17.74 8.81
C SER A 7 10.77 -16.98 7.51
N GLY A 8 10.36 -15.74 7.44
CA GLY A 8 10.63 -14.94 6.29
C GLY A 8 11.13 -13.58 6.71
N ARG A 9 12.27 -13.20 6.23
CA ARG A 9 12.86 -11.93 6.55
C ARG A 9 13.29 -11.24 5.27
N GLY A 10 13.42 -9.93 5.31
CA GLY A 10 13.82 -9.21 4.13
C GLY A 10 13.29 -7.81 4.10
N ARG A 11 12.13 -7.63 4.72
CA ARG A 11 11.42 -6.34 4.81
C ARG A 11 10.99 -5.84 3.44
N GLY A 12 11.87 -5.15 2.77
CA GLY A 12 11.56 -4.62 1.49
C GLY A 12 11.28 -3.16 1.56
N ALA A 13 12.15 -2.39 1.00
CA ALA A 13 11.98 -0.99 0.94
C ALA A 13 11.39 -0.71 -0.41
N ILE A 14 10.17 -0.34 -0.41
CA ILE A 14 9.47 -0.17 -1.62
C ILE A 14 9.11 1.29 -1.77
N ASP A 15 9.77 1.94 -2.65
CA ASP A 15 9.56 3.34 -2.87
C ASP A 15 8.58 3.58 -3.99
N ARG A 16 7.38 3.88 -3.60
CA ARG A 16 6.32 4.27 -4.49
C ARG A 16 5.83 5.61 -4.05
N GLU A 17 5.17 6.33 -4.94
CA GLU A 17 4.69 7.65 -4.64
C GLU A 17 3.66 7.54 -3.52
N GLN A 18 2.75 6.63 -3.71
CA GLN A 18 1.73 6.36 -2.75
C GLN A 18 1.88 4.96 -2.20
N SER A 19 2.58 4.84 -1.10
CA SER A 19 2.76 3.56 -0.48
C SER A 19 2.05 3.52 0.88
N ALA A 20 2.04 4.65 1.56
CA ALA A 20 1.37 4.77 2.83
C ALA A 20 -0.13 4.71 2.60
N ALA A 21 -0.55 5.29 1.49
CA ALA A 21 -1.95 5.27 1.08
C ALA A 21 -2.43 3.84 0.81
N ILE A 22 -1.50 2.98 0.38
CA ILE A 22 -1.81 1.58 0.15
C ILE A 22 -2.03 0.90 1.50
N ARG A 23 -1.16 1.22 2.46
CA ARG A 23 -1.28 0.70 3.83
C ARG A 23 -2.62 1.12 4.44
N GLU A 24 -3.02 2.35 4.15
CA GLU A 24 -4.30 2.89 4.60
C GLU A 24 -5.44 2.07 4.04
N TRP A 25 -5.48 1.98 2.73
CA TRP A 25 -6.50 1.23 1.99
C TRP A 25 -6.58 -0.21 2.49
N ALA A 26 -5.42 -0.80 2.72
CA ALA A 26 -5.32 -2.14 3.22
C ALA A 26 -5.98 -2.27 4.58
N ARG A 27 -5.66 -1.36 5.50
CA ARG A 27 -6.26 -1.39 6.84
C ARG A 27 -7.73 -0.97 6.81
N ARG A 28 -8.12 -0.20 5.79
CA ARG A 28 -9.52 0.17 5.61
C ARG A 28 -10.33 -1.06 5.24
N ASN A 29 -9.78 -1.87 4.36
CA ASN A 29 -10.42 -3.11 3.95
C ASN A 29 -10.30 -4.16 5.03
N GLY A 30 -9.12 -4.29 5.56
CA GLY A 30 -8.87 -5.26 6.59
C GLY A 30 -7.80 -6.23 6.19
N HIS A 31 -6.83 -5.76 5.46
CA HIS A 31 -5.71 -6.59 5.02
C HIS A 31 -4.57 -6.30 5.97
N ASN A 32 -3.81 -7.29 6.31
CA ASN A 32 -2.73 -7.11 7.26
C ASN A 32 -1.42 -6.81 6.59
N VAL A 33 -0.93 -5.62 6.82
CA VAL A 33 0.36 -5.22 6.34
C VAL A 33 1.37 -5.59 7.41
N SER A 34 2.56 -5.99 7.01
CA SER A 34 3.56 -6.40 7.95
C SER A 34 4.08 -5.20 8.76
N THR A 35 3.76 -5.18 10.04
CA THR A 35 4.15 -4.11 10.94
C THR A 35 5.67 -4.12 11.18
N ARG A 36 6.25 -5.29 10.95
CA ARG A 36 7.70 -5.49 11.05
C ARG A 36 8.40 -4.80 9.88
N GLY A 37 7.64 -4.43 8.87
CA GLY A 37 8.18 -3.77 7.73
C GLY A 37 8.11 -4.66 6.51
N ARG A 38 7.07 -4.47 5.71
CA ARG A 38 6.86 -5.14 4.40
C ARG A 38 5.49 -4.76 3.90
N ILE A 39 5.42 -4.28 2.69
CA ILE A 39 4.15 -3.98 2.09
C ILE A 39 3.84 -5.10 1.10
N PRO A 40 2.78 -5.88 1.30
CA PRO A 40 2.43 -6.96 0.38
C PRO A 40 2.20 -6.45 -1.02
N ALA A 41 2.94 -7.00 -1.96
CA ALA A 41 2.83 -6.66 -3.37
C ALA A 41 1.47 -7.05 -3.88
N ASP A 42 0.93 -8.11 -3.30
CA ASP A 42 -0.42 -8.57 -3.58
C ASP A 42 -1.41 -7.47 -3.24
N VAL A 43 -1.16 -6.81 -2.11
CA VAL A 43 -1.99 -5.70 -1.68
C VAL A 43 -1.81 -4.50 -2.60
N ILE A 44 -0.58 -4.26 -3.02
CA ILE A 44 -0.27 -3.18 -3.95
C ILE A 44 -1.02 -3.36 -5.28
N ASP A 45 -0.96 -4.57 -5.82
CA ASP A 45 -1.65 -4.89 -7.07
C ASP A 45 -3.14 -4.77 -6.88
N ALA A 46 -3.63 -5.29 -5.78
CA ALA A 46 -5.04 -5.20 -5.44
C ALA A 46 -5.48 -3.73 -5.33
N TYR A 47 -4.64 -2.91 -4.73
CA TYR A 47 -4.88 -1.47 -4.60
C TYR A 47 -4.97 -0.80 -5.97
N HIS A 48 -4.09 -1.19 -6.87
CA HIS A 48 -4.06 -0.64 -8.21
C HIS A 48 -5.18 -1.20 -9.09
N ALA A 49 -5.61 -2.41 -8.81
CA ALA A 49 -6.66 -3.06 -9.59
C ALA A 49 -8.05 -2.65 -9.14
N ALA A 50 -8.22 -2.46 -7.86
CA ALA A 50 -9.50 -2.10 -7.31
C ALA A 50 -9.71 -0.60 -7.34
N ASP A 51 -10.90 -0.20 -7.64
CA ASP A 51 -11.28 1.18 -7.68
C ASP A 51 -12.71 1.28 -7.27
N MET A 4 -5.30 -19.13 -23.38
CA MET A 4 -3.83 -19.23 -23.50
C MET A 4 -3.23 -17.91 -23.04
N SER A 5 -2.77 -17.87 -21.79
CA SER A 5 -2.16 -16.70 -21.16
C SER A 5 -3.19 -15.59 -20.89
N GLY A 6 -3.68 -15.55 -19.67
CA GLY A 6 -4.63 -14.54 -19.30
C GLY A 6 -3.97 -13.41 -18.54
N SER A 7 -4.26 -13.31 -17.29
CA SER A 7 -3.67 -12.31 -16.46
C SER A 7 -2.38 -12.85 -15.84
N GLY A 8 -1.26 -12.35 -16.28
CA GLY A 8 0.01 -12.83 -15.78
C GLY A 8 1.19 -12.04 -16.30
N ARG A 9 1.07 -10.74 -16.25
CA ARG A 9 2.12 -9.83 -16.69
C ARG A 9 2.43 -8.86 -15.57
N GLY A 10 2.27 -9.30 -14.35
CA GLY A 10 2.54 -8.46 -13.22
C GLY A 10 3.98 -8.58 -12.86
N ARG A 11 4.78 -7.77 -13.47
CA ARG A 11 6.21 -7.81 -13.27
C ARG A 11 6.69 -6.63 -12.44
N GLY A 12 5.86 -5.64 -12.30
CA GLY A 12 6.25 -4.44 -11.60
C GLY A 12 5.96 -4.46 -10.12
N ALA A 13 6.61 -5.33 -9.39
CA ALA A 13 6.44 -5.39 -7.93
C ALA A 13 7.58 -4.70 -7.25
N ILE A 14 8.09 -3.74 -7.94
CA ILE A 14 9.14 -2.90 -7.47
C ILE A 14 8.54 -1.94 -6.45
N ASP A 15 9.36 -1.41 -5.56
CA ASP A 15 8.89 -0.52 -4.48
C ASP A 15 8.19 0.68 -5.09
N ARG A 16 7.06 1.03 -4.56
CA ARG A 16 6.27 2.07 -5.17
C ARG A 16 6.19 3.34 -4.40
N GLU A 17 6.01 4.40 -5.16
CA GLU A 17 5.85 5.75 -4.70
C GLU A 17 4.79 5.80 -3.62
N GLN A 18 3.60 5.40 -3.98
CA GLN A 18 2.51 5.31 -3.03
C GLN A 18 2.60 3.97 -2.38
N SER A 19 3.04 3.94 -1.16
CA SER A 19 3.12 2.72 -0.40
C SER A 19 2.49 2.88 0.98
N ALA A 20 2.53 4.10 1.51
CA ALA A 20 1.90 4.37 2.80
C ALA A 20 0.39 4.31 2.65
N ALA A 21 -0.08 4.83 1.53
CA ALA A 21 -1.48 4.84 1.19
C ALA A 21 -1.98 3.41 1.02
N ILE A 22 -1.08 2.52 0.58
CA ILE A 22 -1.40 1.11 0.42
C ILE A 22 -1.61 0.47 1.79
N ARG A 23 -0.74 0.80 2.74
CA ARG A 23 -0.83 0.32 4.12
C ARG A 23 -2.17 0.71 4.75
N GLU A 24 -2.52 1.97 4.57
CA GLU A 24 -3.74 2.52 5.13
C GLU A 24 -4.97 1.89 4.48
N TRP A 25 -4.90 1.71 3.17
CA TRP A 25 -5.94 1.06 2.40
C TRP A 25 -6.10 -0.39 2.88
N ALA A 26 -4.97 -1.02 3.11
CA ALA A 26 -4.92 -2.38 3.58
C ALA A 26 -5.60 -2.51 4.93
N ARG A 27 -5.37 -1.54 5.80
CA ARG A 27 -6.00 -1.53 7.11
C ARG A 27 -7.50 -1.24 6.98
N ARG A 28 -7.82 -0.42 5.99
CA ARG A 28 -9.19 0.02 5.73
C ARG A 28 -10.03 -1.17 5.33
N ASN A 29 -9.40 -2.05 4.63
CA ASN A 29 -10.02 -3.25 4.13
C ASN A 29 -9.82 -4.43 5.06
N GLY A 30 -8.76 -4.42 5.78
CA GLY A 30 -8.48 -5.48 6.70
C GLY A 30 -7.74 -6.61 6.04
N HIS A 31 -6.70 -6.27 5.32
CA HIS A 31 -5.83 -7.27 4.71
C HIS A 31 -4.68 -7.48 5.67
N ASN A 32 -3.97 -8.58 5.55
CA ASN A 32 -2.86 -8.84 6.46
C ASN A 32 -1.63 -8.08 6.09
N VAL A 33 -1.54 -6.88 6.60
CA VAL A 33 -0.39 -6.03 6.40
C VAL A 33 0.02 -5.47 7.74
N SER A 34 1.27 -5.60 8.06
CA SER A 34 1.81 -5.12 9.28
C SER A 34 2.06 -3.62 9.18
N THR A 35 2.02 -2.93 10.30
CA THR A 35 2.22 -1.51 10.32
C THR A 35 3.66 -1.14 9.97
N ARG A 36 4.60 -1.99 10.31
CA ARG A 36 5.99 -1.80 9.95
C ARG A 36 6.42 -2.99 9.12
N GLY A 37 7.27 -2.78 8.16
CA GLY A 37 7.76 -3.87 7.38
C GLY A 37 7.76 -3.61 5.90
N ARG A 38 7.47 -4.64 5.15
CA ARG A 38 7.46 -4.62 3.71
C ARG A 38 6.02 -4.61 3.21
N ILE A 39 5.82 -4.29 1.96
CA ILE A 39 4.47 -4.23 1.41
C ILE A 39 4.21 -5.45 0.52
N PRO A 40 3.14 -6.23 0.79
CA PRO A 40 2.74 -7.35 -0.06
C PRO A 40 2.38 -6.91 -1.46
N ALA A 41 3.04 -7.49 -2.45
CA ALA A 41 2.81 -7.20 -3.86
C ALA A 41 1.40 -7.57 -4.26
N ASP A 42 0.85 -8.55 -3.56
CA ASP A 42 -0.55 -8.95 -3.72
C ASP A 42 -1.43 -7.79 -3.36
N VAL A 43 -1.09 -7.19 -2.23
CA VAL A 43 -1.83 -6.06 -1.73
C VAL A 43 -1.68 -4.86 -2.67
N ILE A 44 -0.49 -4.70 -3.20
CA ILE A 44 -0.20 -3.61 -4.12
C ILE A 44 -1.03 -3.71 -5.39
N ASP A 45 -1.09 -4.89 -6.00
CA ASP A 45 -1.84 -5.03 -7.25
C ASP A 45 -3.33 -4.92 -6.98
N ALA A 46 -3.75 -5.45 -5.83
CA ALA A 46 -5.14 -5.33 -5.41
C ALA A 46 -5.49 -3.86 -5.18
N TYR A 47 -4.57 -3.14 -4.55
CA TYR A 47 -4.69 -1.71 -4.28
C TYR A 47 -4.85 -0.94 -5.57
N HIS A 48 -4.00 -1.23 -6.52
CA HIS A 48 -4.03 -0.54 -7.79
C HIS A 48 -5.24 -0.91 -8.65
N ALA A 49 -5.75 -2.11 -8.48
CA ALA A 49 -6.91 -2.52 -9.23
C ALA A 49 -8.21 -2.00 -8.60
N ALA A 50 -8.25 -1.96 -7.28
CA ALA A 50 -9.45 -1.56 -6.58
C ALA A 50 -9.49 -0.06 -6.31
N ASP A 51 -10.35 0.62 -7.04
CA ASP A 51 -10.58 2.07 -6.93
C ASP A 51 -11.52 2.44 -8.02
N MET A 4 20.76 21.02 8.16
CA MET A 4 20.65 19.66 8.68
C MET A 4 20.17 18.73 7.58
N SER A 5 21.10 18.17 6.86
CA SER A 5 20.79 17.33 5.73
C SER A 5 20.96 15.86 6.12
N GLY A 6 20.25 14.99 5.44
CA GLY A 6 20.42 13.57 5.64
C GLY A 6 21.41 13.05 4.64
N SER A 7 21.05 12.02 3.93
CA SER A 7 21.90 11.54 2.87
C SER A 7 21.48 12.29 1.59
N GLY A 8 22.08 13.45 1.40
CA GLY A 8 21.70 14.32 0.34
C GLY A 8 21.07 15.55 0.95
N ARG A 9 19.90 15.93 0.49
CA ARG A 9 19.23 17.10 1.07
C ARG A 9 18.38 16.67 2.26
N GLY A 10 17.94 15.44 2.21
CA GLY A 10 17.09 14.91 3.23
C GLY A 10 16.30 13.77 2.66
N ARG A 11 15.01 13.82 2.80
CA ARG A 11 14.17 12.76 2.28
C ARG A 11 13.08 13.30 1.37
N GLY A 12 12.48 14.40 1.77
CA GLY A 12 11.44 15.00 0.99
C GLY A 12 10.16 14.19 1.03
N ALA A 13 9.72 13.75 -0.12
CA ALA A 13 8.48 13.03 -0.25
C ALA A 13 8.73 11.74 -1.01
N ILE A 14 7.71 10.98 -1.25
CA ILE A 14 7.85 9.76 -2.00
C ILE A 14 7.02 9.91 -3.27
N ASP A 15 7.53 9.40 -4.34
CA ASP A 15 6.86 9.49 -5.64
C ASP A 15 6.65 8.09 -6.20
N ARG A 16 5.57 7.91 -6.97
CA ARG A 16 5.16 6.65 -7.63
C ARG A 16 4.59 5.64 -6.62
N GLU A 17 5.34 5.37 -5.60
CA GLU A 17 4.95 4.45 -4.56
C GLU A 17 4.30 5.24 -3.43
N GLN A 18 3.01 5.10 -3.25
CA GLN A 18 2.35 5.76 -2.14
C GLN A 18 1.95 4.75 -1.10
N SER A 19 2.93 4.32 -0.34
CA SER A 19 2.77 3.29 0.68
C SER A 19 1.76 3.69 1.76
N ALA A 20 1.68 4.97 2.05
CA ALA A 20 0.75 5.48 3.05
C ALA A 20 -0.68 5.20 2.61
N ALA A 21 -0.99 5.60 1.39
CA ALA A 21 -2.31 5.42 0.82
C ALA A 21 -2.65 3.93 0.69
N ILE A 22 -1.64 3.14 0.30
CA ILE A 22 -1.80 1.70 0.20
C ILE A 22 -2.14 1.10 1.57
N ARG A 23 -1.44 1.56 2.61
CA ARG A 23 -1.70 1.11 3.98
C ARG A 23 -3.12 1.44 4.40
N GLU A 24 -3.54 2.64 4.13
CA GLU A 24 -4.87 3.10 4.52
C GLU A 24 -5.98 2.29 3.85
N TRP A 25 -5.79 1.99 2.56
CA TRP A 25 -6.72 1.16 1.81
C TRP A 25 -6.69 -0.27 2.34
N ALA A 26 -5.51 -0.73 2.64
CA ALA A 26 -5.30 -2.05 3.15
C ALA A 26 -5.97 -2.22 4.49
N ARG A 27 -5.80 -1.25 5.35
CA ARG A 27 -6.42 -1.24 6.66
C ARG A 27 -7.94 -1.05 6.56
N ARG A 28 -8.37 -0.30 5.54
CA ARG A 28 -9.79 -0.13 5.23
C ARG A 28 -10.42 -1.50 5.00
N ASN A 29 -9.73 -2.31 4.24
CA ASN A 29 -10.15 -3.69 3.98
C ASN A 29 -9.95 -4.54 5.22
N GLY A 30 -8.81 -4.40 5.83
CA GLY A 30 -8.50 -5.14 7.01
C GLY A 30 -7.30 -6.02 6.84
N HIS A 31 -6.40 -5.63 5.97
CA HIS A 31 -5.18 -6.40 5.75
C HIS A 31 -4.15 -5.88 6.74
N ASN A 32 -3.41 -6.75 7.37
CA ASN A 32 -2.38 -6.29 8.28
C ASN A 32 -1.11 -6.04 7.53
N VAL A 33 -0.84 -4.77 7.34
CA VAL A 33 0.26 -4.33 6.54
C VAL A 33 1.34 -3.67 7.38
N SER A 34 2.59 -3.99 7.03
CA SER A 34 3.80 -3.47 7.67
C SER A 34 4.06 -4.14 9.02
N THR A 35 3.33 -5.21 9.25
CA THR A 35 3.54 -6.03 10.39
C THR A 35 4.58 -7.08 10.02
N ARG A 36 5.86 -6.74 10.23
CA ARG A 36 7.01 -7.54 9.77
C ARG A 36 7.01 -7.60 8.25
N GLY A 37 7.53 -6.55 7.65
CA GLY A 37 7.58 -6.46 6.22
C GLY A 37 7.58 -5.03 5.78
N ARG A 38 7.42 -4.79 4.51
CA ARG A 38 7.36 -3.45 3.98
C ARG A 38 5.89 -3.16 3.67
N ILE A 39 5.48 -3.57 2.53
CA ILE A 39 4.12 -3.47 2.04
C ILE A 39 3.92 -4.68 1.13
N PRO A 40 2.95 -5.57 1.44
CA PRO A 40 2.69 -6.75 0.60
C PRO A 40 2.42 -6.36 -0.85
N ALA A 41 3.21 -6.92 -1.74
CA ALA A 41 3.09 -6.67 -3.19
C ALA A 41 1.72 -7.09 -3.66
N ASP A 42 1.20 -8.16 -3.05
CA ASP A 42 -0.15 -8.62 -3.31
C ASP A 42 -1.16 -7.53 -3.00
N VAL A 43 -0.94 -6.85 -1.88
CA VAL A 43 -1.79 -5.75 -1.46
C VAL A 43 -1.66 -4.58 -2.43
N ILE A 44 -0.44 -4.32 -2.87
CA ILE A 44 -0.15 -3.24 -3.82
C ILE A 44 -0.89 -3.47 -5.14
N ASP A 45 -0.78 -4.68 -5.66
CA ASP A 45 -1.41 -5.03 -6.93
C ASP A 45 -2.91 -4.94 -6.80
N ALA A 46 -3.42 -5.42 -5.68
CA ALA A 46 -4.84 -5.37 -5.39
C ALA A 46 -5.31 -3.91 -5.26
N TYR A 47 -4.51 -3.10 -4.59
CA TYR A 47 -4.77 -1.67 -4.42
C TYR A 47 -4.88 -0.97 -5.77
N HIS A 48 -4.00 -1.34 -6.67
CA HIS A 48 -3.99 -0.77 -7.99
C HIS A 48 -5.11 -1.30 -8.87
N ALA A 49 -5.44 -2.56 -8.69
CA ALA A 49 -6.48 -3.19 -9.49
C ALA A 49 -7.87 -2.75 -9.04
N ALA A 50 -8.06 -2.56 -7.76
CA ALA A 50 -9.35 -2.17 -7.23
C ALA A 50 -9.60 -0.69 -7.44
N ASP A 51 -10.58 -0.39 -8.24
CA ASP A 51 -11.00 0.99 -8.44
C ASP A 51 -11.90 1.38 -7.31
N MET A 4 4.26 -15.38 15.77
CA MET A 4 5.32 -14.51 16.29
C MET A 4 5.28 -13.20 15.55
N SER A 5 5.62 -12.14 16.23
CA SER A 5 5.60 -10.81 15.67
C SER A 5 7.01 -10.24 15.62
N GLY A 6 7.32 -9.57 14.53
CA GLY A 6 8.61 -8.97 14.36
C GLY A 6 8.59 -8.13 13.12
N SER A 7 9.65 -7.46 12.84
CA SER A 7 9.72 -6.65 11.66
C SER A 7 10.58 -7.35 10.60
N GLY A 8 11.83 -7.46 10.89
CA GLY A 8 12.74 -8.08 9.98
C GLY A 8 13.69 -7.07 9.43
N ARG A 9 14.95 -7.31 9.64
CA ARG A 9 15.96 -6.38 9.23
C ARG A 9 16.33 -6.55 7.76
N GLY A 10 15.59 -5.86 6.97
CA GLY A 10 15.74 -5.84 5.56
C GLY A 10 14.96 -4.69 5.04
N ARG A 11 15.18 -4.29 3.83
CA ARG A 11 14.46 -3.18 3.29
C ARG A 11 13.53 -3.65 2.19
N GLY A 12 12.26 -3.72 2.51
CA GLY A 12 11.28 -4.20 1.56
C GLY A 12 10.11 -3.28 1.42
N ALA A 13 10.23 -2.10 1.96
CA ALA A 13 9.20 -1.14 1.85
C ALA A 13 9.58 -0.16 0.78
N ILE A 14 9.07 -0.40 -0.41
CA ILE A 14 9.37 0.44 -1.51
C ILE A 14 8.69 1.77 -1.32
N ASP A 15 9.48 2.75 -1.24
CA ASP A 15 9.01 4.09 -1.04
C ASP A 15 8.67 4.71 -2.37
N ARG A 16 7.44 5.01 -2.53
CA ARG A 16 6.93 5.61 -3.73
C ARG A 16 5.88 6.59 -3.26
N GLU A 17 5.29 7.35 -4.16
CA GLU A 17 4.25 8.27 -3.78
C GLU A 17 3.06 7.50 -3.23
N GLN A 18 2.53 6.56 -3.98
CA GLN A 18 1.47 5.75 -3.46
C GLN A 18 2.06 4.55 -2.74
N SER A 19 2.26 4.71 -1.46
CA SER A 19 2.79 3.65 -0.64
C SER A 19 2.09 3.66 0.73
N ALA A 20 2.15 4.79 1.42
CA ALA A 20 1.50 4.96 2.72
C ALA A 20 -0.01 4.80 2.56
N ALA A 21 -0.53 5.30 1.46
CA ALA A 21 -1.93 5.19 1.09
C ALA A 21 -2.32 3.73 0.96
N ILE A 22 -1.42 2.92 0.41
CA ILE A 22 -1.66 1.50 0.21
C ILE A 22 -1.76 0.82 1.58
N ARG A 23 -0.92 1.26 2.51
CA ARG A 23 -0.91 0.74 3.87
C ARG A 23 -2.25 1.02 4.53
N GLU A 24 -2.73 2.25 4.35
CA GLU A 24 -4.00 2.67 4.94
C GLU A 24 -5.16 1.95 4.29
N TRP A 25 -5.12 1.85 2.97
CA TRP A 25 -6.14 1.14 2.19
C TRP A 25 -6.19 -0.33 2.63
N ALA A 26 -5.04 -0.89 2.87
CA ALA A 26 -4.92 -2.25 3.33
C ALA A 26 -5.59 -2.41 4.69
N ARG A 27 -5.26 -1.51 5.62
CA ARG A 27 -5.85 -1.55 6.97
C ARG A 27 -7.36 -1.32 6.89
N ARG A 28 -7.76 -0.44 5.98
CA ARG A 28 -9.16 -0.12 5.70
C ARG A 28 -9.93 -1.40 5.33
N ASN A 29 -9.33 -2.18 4.46
CA ASN A 29 -9.91 -3.45 4.00
C ASN A 29 -9.76 -4.54 5.02
N GLY A 30 -8.81 -4.39 5.90
CA GLY A 30 -8.62 -5.35 6.96
C GLY A 30 -7.51 -6.30 6.66
N HIS A 31 -6.55 -5.85 5.88
CA HIS A 31 -5.40 -6.66 5.55
C HIS A 31 -4.35 -6.39 6.61
N ASN A 32 -3.63 -7.39 7.00
CA ASN A 32 -2.61 -7.21 8.00
C ASN A 32 -1.31 -6.83 7.32
N VAL A 33 -1.24 -5.57 6.96
CA VAL A 33 -0.09 -5.02 6.28
C VAL A 33 0.62 -4.08 7.23
N SER A 34 1.95 -4.00 7.09
CA SER A 34 2.82 -3.15 7.89
C SER A 34 3.03 -3.75 9.28
N THR A 35 2.77 -5.02 9.38
CA THR A 35 2.97 -5.76 10.58
C THR A 35 4.46 -6.00 10.76
N ARG A 36 5.11 -6.37 9.69
CA ARG A 36 6.55 -6.54 9.68
C ARG A 36 7.21 -5.29 9.10
N GLY A 37 6.38 -4.39 8.62
CA GLY A 37 6.87 -3.15 8.07
C GLY A 37 7.18 -3.27 6.59
N ARG A 38 6.44 -4.11 5.91
CA ARG A 38 6.65 -4.28 4.50
C ARG A 38 5.29 -4.27 3.82
N ILE A 39 5.25 -3.92 2.56
CA ILE A 39 4.01 -3.86 1.84
C ILE A 39 3.96 -5.00 0.82
N PRO A 40 3.02 -5.95 1.00
CA PRO A 40 2.80 -7.04 0.05
C PRO A 40 2.49 -6.53 -1.34
N ALA A 41 3.22 -7.05 -2.29
CA ALA A 41 3.05 -6.72 -3.69
C ALA A 41 1.68 -7.17 -4.16
N ASP A 42 1.18 -8.26 -3.53
CA ASP A 42 -0.17 -8.77 -3.81
C ASP A 42 -1.16 -7.67 -3.48
N VAL A 43 -0.90 -7.01 -2.35
CA VAL A 43 -1.73 -5.92 -1.88
C VAL A 43 -1.62 -4.72 -2.79
N ILE A 44 -0.42 -4.42 -3.25
CA ILE A 44 -0.18 -3.32 -4.16
C ILE A 44 -0.95 -3.52 -5.47
N ASP A 45 -0.92 -4.73 -5.99
CA ASP A 45 -1.63 -5.04 -7.22
C ASP A 45 -3.14 -4.95 -6.99
N ALA A 46 -3.58 -5.42 -5.84
CA ALA A 46 -4.98 -5.34 -5.45
C ALA A 46 -5.41 -3.87 -5.34
N TYR A 47 -4.54 -3.06 -4.75
CA TYR A 47 -4.75 -1.62 -4.61
C TYR A 47 -4.89 -0.94 -5.97
N HIS A 48 -4.07 -1.37 -6.91
CA HIS A 48 -4.11 -0.82 -8.25
C HIS A 48 -5.26 -1.36 -9.09
N ALA A 49 -5.70 -2.55 -8.78
CA ALA A 49 -6.81 -3.16 -9.49
C ALA A 49 -8.16 -2.66 -8.98
N ALA A 50 -8.23 -2.38 -7.70
CA ALA A 50 -9.45 -1.90 -7.09
C ALA A 50 -9.50 -0.40 -7.09
N ASP A 51 -10.68 0.14 -7.28
CA ASP A 51 -10.92 1.55 -7.23
C ASP A 51 -12.34 1.78 -6.82
N MET A 4 13.79 -3.11 6.29
CA MET A 4 13.21 -2.97 7.63
C MET A 4 11.93 -2.18 7.51
N SER A 5 11.07 -2.24 8.51
CA SER A 5 9.83 -1.52 8.52
C SER A 5 10.04 -0.01 8.43
N GLY A 6 9.88 0.50 7.24
CA GLY A 6 10.03 1.90 6.98
C GLY A 6 9.47 2.19 5.63
N SER A 7 8.18 2.05 5.52
CA SER A 7 7.51 2.26 4.29
C SER A 7 6.28 3.14 4.50
N GLY A 8 6.31 4.31 3.92
CA GLY A 8 5.22 5.21 4.01
C GLY A 8 5.49 6.34 4.95
N ARG A 9 6.63 6.95 4.79
CA ARG A 9 6.98 8.09 5.60
C ARG A 9 6.65 9.34 4.82
N GLY A 10 5.63 10.01 5.20
CA GLY A 10 5.32 11.24 4.57
C GLY A 10 3.87 11.53 4.55
N ARG A 11 3.57 12.73 4.21
CA ARG A 11 2.21 13.22 4.12
C ARG A 11 1.72 12.97 2.72
N GLY A 12 2.58 13.24 1.78
CA GLY A 12 2.29 13.05 0.41
C GLY A 12 3.47 12.46 -0.26
N ALA A 13 3.25 11.77 -1.32
CA ALA A 13 4.31 11.14 -2.06
C ALA A 13 3.90 11.13 -3.49
N ILE A 14 4.75 10.63 -4.34
CA ILE A 14 4.46 10.60 -5.74
C ILE A 14 3.34 9.60 -5.98
N ASP A 15 2.26 10.08 -6.52
CA ASP A 15 1.06 9.28 -6.62
C ASP A 15 1.01 8.37 -7.80
N ARG A 16 1.58 7.24 -7.59
CA ARG A 16 1.50 6.08 -8.44
C ARG A 16 1.32 4.98 -7.46
N GLU A 17 2.33 4.89 -6.63
CA GLU A 17 2.42 3.95 -5.58
C GLU A 17 2.77 4.71 -4.32
N GLN A 18 1.78 5.05 -3.55
CA GLN A 18 2.04 5.69 -2.28
C GLN A 18 1.94 4.64 -1.21
N SER A 19 3.08 4.16 -0.76
CA SER A 19 3.15 3.08 0.23
C SER A 19 2.27 3.35 1.45
N ALA A 20 2.31 4.59 1.93
CA ALA A 20 1.50 5.03 3.06
C ALA A 20 0.02 4.82 2.80
N ALA A 21 -0.45 5.38 1.69
CA ALA A 21 -1.86 5.31 1.29
C ALA A 21 -2.29 3.87 1.07
N ILE A 22 -1.39 3.07 0.52
CA ILE A 22 -1.66 1.67 0.28
C ILE A 22 -1.87 0.92 1.60
N ARG A 23 -1.08 1.27 2.64
CA ARG A 23 -1.26 0.65 3.96
C ARG A 23 -2.61 1.04 4.49
N GLU A 24 -2.91 2.33 4.41
CA GLU A 24 -4.14 2.88 4.93
C GLU A 24 -5.35 2.23 4.26
N TRP A 25 -5.28 2.11 2.94
CA TRP A 25 -6.29 1.45 2.13
C TRP A 25 -6.46 -0.01 2.58
N ALA A 26 -5.34 -0.66 2.76
CA ALA A 26 -5.30 -2.04 3.18
C ALA A 26 -5.95 -2.21 4.55
N ARG A 27 -5.64 -1.31 5.47
CA ARG A 27 -6.23 -1.34 6.80
C ARG A 27 -7.72 -1.02 6.74
N ARG A 28 -8.08 -0.13 5.83
CA ARG A 28 -9.46 0.27 5.58
C ARG A 28 -10.28 -0.94 5.14
N ASN A 29 -9.66 -1.80 4.35
CA ASN A 29 -10.31 -3.04 3.91
C ASN A 29 -10.20 -4.12 4.97
N GLY A 30 -9.07 -4.18 5.60
CA GLY A 30 -8.83 -5.19 6.59
C GLY A 30 -7.86 -6.22 6.10
N HIS A 31 -6.80 -5.76 5.49
CA HIS A 31 -5.77 -6.65 4.98
C HIS A 31 -4.61 -6.63 5.94
N ASN A 32 -3.76 -7.60 5.81
CA ASN A 32 -2.59 -7.69 6.65
C ASN A 32 -1.43 -7.04 5.94
N VAL A 33 -1.09 -5.87 6.39
CA VAL A 33 0.01 -5.12 5.82
C VAL A 33 1.27 -5.61 6.49
N SER A 34 1.19 -5.70 7.80
CA SER A 34 2.27 -6.06 8.67
C SER A 34 3.35 -4.99 8.64
N THR A 35 3.30 -4.09 9.60
CA THR A 35 4.28 -3.04 9.70
C THR A 35 5.55 -3.53 10.39
N ARG A 36 5.75 -4.83 10.32
CA ARG A 36 6.95 -5.50 10.79
C ARG A 36 7.71 -6.02 9.58
N GLY A 37 7.36 -5.46 8.45
CA GLY A 37 7.99 -5.74 7.19
C GLY A 37 7.79 -4.57 6.28
N ARG A 38 7.58 -4.83 5.02
CA ARG A 38 7.29 -3.78 4.05
C ARG A 38 5.84 -3.93 3.57
N ILE A 39 5.52 -3.36 2.44
CA ILE A 39 4.17 -3.42 1.92
C ILE A 39 4.00 -4.70 1.10
N PRO A 40 2.93 -5.50 1.35
CA PRO A 40 2.63 -6.68 0.55
C PRO A 40 2.35 -6.31 -0.89
N ALA A 41 3.11 -6.92 -1.78
CA ALA A 41 3.00 -6.71 -3.21
C ALA A 41 1.62 -7.04 -3.70
N ASP A 42 1.03 -8.10 -3.14
CA ASP A 42 -0.31 -8.50 -3.52
C ASP A 42 -1.30 -7.43 -3.11
N VAL A 43 -1.00 -6.78 -1.99
CA VAL A 43 -1.85 -5.68 -1.53
C VAL A 43 -1.70 -4.47 -2.44
N ILE A 44 -0.49 -4.22 -2.91
CA ILE A 44 -0.21 -3.13 -3.86
C ILE A 44 -0.96 -3.39 -5.17
N ASP A 45 -0.87 -4.60 -5.65
CA ASP A 45 -1.55 -5.01 -6.88
C ASP A 45 -3.05 -4.93 -6.70
N ALA A 46 -3.52 -5.39 -5.56
CA ALA A 46 -4.93 -5.33 -5.20
C ALA A 46 -5.39 -3.87 -5.15
N TYR A 47 -4.57 -3.02 -4.56
CA TYR A 47 -4.82 -1.57 -4.46
C TYR A 47 -5.01 -0.98 -5.85
N HIS A 48 -4.08 -1.28 -6.73
CA HIS A 48 -4.10 -0.79 -8.08
C HIS A 48 -5.28 -1.35 -8.88
N ALA A 49 -5.68 -2.56 -8.56
CA ALA A 49 -6.79 -3.19 -9.26
C ALA A 49 -8.13 -2.79 -8.66
N ALA A 50 -8.11 -2.30 -7.44
CA ALA A 50 -9.32 -1.92 -6.74
C ALA A 50 -9.88 -0.62 -7.27
N ASP A 51 -10.97 -0.74 -7.95
CA ASP A 51 -11.70 0.37 -8.45
C ASP A 51 -13.12 0.18 -8.02
N MET A 4 12.96 -7.14 16.03
CA MET A 4 13.67 -8.09 15.15
C MET A 4 12.69 -9.03 14.48
N SER A 5 11.69 -9.49 15.22
CA SER A 5 10.70 -10.38 14.67
C SER A 5 9.68 -9.59 13.81
N GLY A 6 8.83 -10.30 13.12
CA GLY A 6 7.88 -9.67 12.25
C GLY A 6 8.56 -9.24 10.98
N SER A 7 8.76 -7.95 10.84
CA SER A 7 9.49 -7.42 9.75
C SER A 7 10.92 -7.12 10.22
N GLY A 8 11.86 -7.96 9.79
CA GLY A 8 13.25 -7.79 10.16
C GLY A 8 13.82 -6.55 9.55
N ARG A 9 13.72 -6.46 8.24
CA ARG A 9 14.09 -5.26 7.53
C ARG A 9 13.34 -5.22 6.23
N GLY A 10 12.97 -4.06 5.83
CA GLY A 10 12.27 -3.91 4.61
C GLY A 10 12.59 -2.60 3.99
N ARG A 11 12.72 -2.59 2.70
CA ARG A 11 12.97 -1.36 1.98
C ARG A 11 11.63 -0.69 1.73
N GLY A 12 10.64 -1.53 1.45
CA GLY A 12 9.29 -1.08 1.21
C GLY A 12 9.17 -0.36 -0.10
N ALA A 13 9.38 0.92 -0.04
CA ALA A 13 9.30 1.79 -1.17
C ALA A 13 9.95 3.10 -0.78
N ILE A 14 10.01 4.00 -1.70
CA ILE A 14 10.58 5.29 -1.47
C ILE A 14 9.43 6.27 -1.39
N ASP A 15 9.56 7.33 -0.61
CA ASP A 15 8.46 8.27 -0.46
C ASP A 15 8.39 9.24 -1.66
N ARG A 16 8.08 8.63 -2.77
CA ARG A 16 7.87 9.28 -4.06
C ARG A 16 6.51 8.84 -4.60
N GLU A 17 6.10 7.71 -4.14
CA GLU A 17 4.94 7.05 -4.60
C GLU A 17 4.18 6.65 -3.37
N GLN A 18 2.87 6.80 -3.41
CA GLN A 18 2.01 6.52 -2.28
C GLN A 18 1.94 5.05 -1.94
N SER A 19 2.89 4.62 -1.17
CA SER A 19 2.95 3.28 -0.69
C SER A 19 2.41 3.23 0.73
N ALA A 20 2.51 4.37 1.42
CA ALA A 20 1.96 4.53 2.75
C ALA A 20 0.45 4.50 2.66
N ALA A 21 -0.09 5.13 1.62
CA ALA A 21 -1.51 5.14 1.36
C ALA A 21 -2.01 3.71 1.09
N ILE A 22 -1.18 2.93 0.41
CA ILE A 22 -1.48 1.53 0.14
C ILE A 22 -1.55 0.76 1.47
N ARG A 23 -0.64 1.07 2.39
CA ARG A 23 -0.68 0.49 3.74
C ARG A 23 -1.96 0.86 4.47
N GLU A 24 -2.33 2.13 4.36
CA GLU A 24 -3.54 2.62 5.00
C GLU A 24 -4.78 1.92 4.44
N TRP A 25 -4.82 1.82 3.12
CA TRP A 25 -5.87 1.11 2.41
C TRP A 25 -5.89 -0.37 2.85
N ALA A 26 -4.71 -0.93 2.98
CA ALA A 26 -4.53 -2.31 3.40
C ALA A 26 -5.03 -2.51 4.83
N ARG A 27 -4.92 -1.47 5.63
CA ARG A 27 -5.42 -1.46 7.01
C ARG A 27 -6.93 -1.33 7.03
N ARG A 28 -7.48 -0.58 6.08
CA ARG A 28 -8.93 -0.41 5.96
C ARG A 28 -9.57 -1.73 5.60
N ASN A 29 -8.90 -2.46 4.73
CA ASN A 29 -9.38 -3.76 4.29
C ASN A 29 -9.02 -4.84 5.27
N GLY A 30 -7.84 -4.75 5.81
CA GLY A 30 -7.38 -5.73 6.75
C GLY A 30 -6.63 -6.84 6.08
N HIS A 31 -5.51 -6.52 5.47
CA HIS A 31 -4.70 -7.52 4.78
C HIS A 31 -3.60 -8.05 5.68
N ASN A 32 -3.81 -7.90 6.99
CA ASN A 32 -2.93 -8.43 8.05
C ASN A 32 -1.60 -7.70 8.12
N VAL A 33 -1.52 -6.58 7.46
CA VAL A 33 -0.30 -5.80 7.37
C VAL A 33 -0.05 -5.04 8.67
N SER A 34 -0.88 -4.02 8.92
CA SER A 34 -0.79 -3.15 10.08
C SER A 34 0.62 -2.50 10.25
N THR A 35 1.53 -3.17 10.93
CA THR A 35 2.84 -2.63 11.22
C THR A 35 3.94 -3.32 10.41
N ARG A 36 3.56 -4.27 9.55
CA ARG A 36 4.55 -4.93 8.69
C ARG A 36 5.13 -3.89 7.74
N GLY A 37 6.43 -3.90 7.61
CA GLY A 37 7.12 -2.87 6.84
C GLY A 37 7.03 -3.06 5.35
N ARG A 38 6.89 -4.28 4.95
CA ARG A 38 6.87 -4.62 3.55
C ARG A 38 5.46 -4.69 3.06
N ILE A 39 5.17 -3.99 1.99
CA ILE A 39 3.88 -4.07 1.40
C ILE A 39 3.90 -5.16 0.36
N PRO A 40 3.07 -6.20 0.51
CA PRO A 40 2.97 -7.26 -0.47
C PRO A 40 2.57 -6.71 -1.81
N ALA A 41 3.23 -7.18 -2.84
CA ALA A 41 2.94 -6.81 -4.21
C ALA A 41 1.53 -7.23 -4.53
N ASP A 42 1.08 -8.27 -3.85
CA ASP A 42 -0.28 -8.79 -3.94
C ASP A 42 -1.25 -7.72 -3.48
N VAL A 43 -0.86 -7.03 -2.42
CA VAL A 43 -1.67 -5.94 -1.85
C VAL A 43 -1.66 -4.74 -2.77
N ILE A 44 -0.49 -4.43 -3.30
CA ILE A 44 -0.33 -3.34 -4.24
C ILE A 44 -1.16 -3.61 -5.51
N ASP A 45 -1.11 -4.84 -5.96
CA ASP A 45 -1.86 -5.29 -7.13
C ASP A 45 -3.34 -5.13 -6.90
N ALA A 46 -3.76 -5.50 -5.70
CA ALA A 46 -5.14 -5.36 -5.28
C ALA A 46 -5.53 -3.87 -5.22
N TYR A 47 -4.64 -3.04 -4.67
CA TYR A 47 -4.84 -1.60 -4.58
C TYR A 47 -4.99 -0.97 -5.96
N HIS A 48 -4.18 -1.45 -6.89
CA HIS A 48 -4.22 -0.97 -8.27
C HIS A 48 -5.43 -1.51 -9.02
N ALA A 49 -5.92 -2.66 -8.60
CA ALA A 49 -7.13 -3.24 -9.18
C ALA A 49 -8.35 -2.51 -8.64
N ALA A 50 -8.29 -2.14 -7.39
CA ALA A 50 -9.33 -1.41 -6.73
C ALA A 50 -9.28 0.05 -7.15
N ASP A 51 -10.40 0.68 -7.14
CA ASP A 51 -10.46 2.08 -7.46
C ASP A 51 -10.30 2.87 -6.21
N MET A 4 -27.22 14.91 -4.48
CA MET A 4 -27.02 16.35 -4.42
C MET A 4 -25.59 16.65 -4.78
N SER A 5 -25.35 17.78 -5.38
CA SER A 5 -24.02 18.12 -5.76
C SER A 5 -23.27 18.83 -4.63
N GLY A 6 -22.52 18.05 -3.89
CA GLY A 6 -21.67 18.56 -2.85
C GLY A 6 -20.25 18.32 -3.25
N SER A 7 -19.93 18.80 -4.43
CA SER A 7 -18.64 18.62 -5.02
C SER A 7 -17.56 19.36 -4.25
N GLY A 8 -16.47 18.71 -4.04
CA GLY A 8 -15.38 19.29 -3.33
C GLY A 8 -14.08 18.79 -3.85
N ARG A 9 -13.86 17.51 -3.71
CA ARG A 9 -12.67 16.90 -4.21
C ARG A 9 -13.02 15.73 -5.07
N GLY A 10 -12.59 15.77 -6.30
CA GLY A 10 -12.84 14.73 -7.21
C GLY A 10 -11.73 13.76 -7.12
N ARG A 11 -11.97 12.55 -7.47
CA ARG A 11 -10.94 11.57 -7.36
C ARG A 11 -10.33 11.34 -8.72
N GLY A 12 -9.05 11.19 -8.75
CA GLY A 12 -8.39 10.92 -9.98
C GLY A 12 -7.99 9.49 -10.05
N ALA A 13 -7.09 9.18 -10.92
CA ALA A 13 -6.61 7.86 -11.05
C ALA A 13 -5.31 7.83 -10.33
N ILE A 14 -5.16 6.89 -9.47
CA ILE A 14 -3.95 6.81 -8.70
C ILE A 14 -2.84 6.30 -9.60
N ASP A 15 -1.79 7.03 -9.62
CA ASP A 15 -0.69 6.77 -10.51
C ASP A 15 0.48 6.15 -9.82
N ARG A 16 0.97 6.82 -8.82
CA ARG A 16 2.19 6.42 -8.22
C ARG A 16 1.93 5.57 -7.02
N GLU A 17 2.90 4.78 -6.71
CA GLU A 17 2.87 3.92 -5.57
C GLU A 17 2.93 4.78 -4.31
N GLN A 18 1.84 4.84 -3.62
CA GLN A 18 1.75 5.56 -2.39
C GLN A 18 1.71 4.57 -1.25
N SER A 19 2.89 4.16 -0.81
CA SER A 19 3.06 3.10 0.17
C SER A 19 2.18 3.26 1.43
N ALA A 20 2.15 4.46 2.00
CA ALA A 20 1.37 4.68 3.19
C ALA A 20 -0.12 4.62 2.89
N ALA A 21 -0.51 5.14 1.74
CA ALA A 21 -1.91 5.12 1.32
C ALA A 21 -2.37 3.69 1.03
N ILE A 22 -1.45 2.89 0.49
CA ILE A 22 -1.71 1.48 0.24
C ILE A 22 -1.96 0.77 1.56
N ARG A 23 -1.14 1.07 2.57
CA ARG A 23 -1.31 0.50 3.89
C ARG A 23 -2.64 0.94 4.50
N GLU A 24 -3.02 2.20 4.25
CA GLU A 24 -4.30 2.75 4.71
C GLU A 24 -5.45 1.96 4.14
N TRP A 25 -5.46 1.85 2.82
CA TRP A 25 -6.46 1.11 2.08
C TRP A 25 -6.54 -0.34 2.58
N ALA A 26 -5.37 -0.93 2.79
CA ALA A 26 -5.25 -2.28 3.31
C ALA A 26 -5.94 -2.38 4.68
N ARG A 27 -5.61 -1.45 5.56
CA ARG A 27 -6.19 -1.37 6.91
C ARG A 27 -7.71 -1.21 6.85
N ARG A 28 -8.16 -0.36 5.94
CA ARG A 28 -9.60 -0.08 5.76
C ARG A 28 -10.34 -1.32 5.29
N ASN A 29 -9.69 -2.12 4.46
CA ASN A 29 -10.27 -3.39 3.98
C ASN A 29 -10.16 -4.47 5.04
N GLY A 30 -9.14 -4.35 5.85
CA GLY A 30 -8.93 -5.29 6.90
C GLY A 30 -7.82 -6.26 6.59
N HIS A 31 -6.86 -5.81 5.79
CA HIS A 31 -5.73 -6.64 5.44
C HIS A 31 -4.67 -6.45 6.50
N ASN A 32 -3.91 -7.45 6.73
CA ASN A 32 -2.91 -7.45 7.76
C ASN A 32 -1.53 -7.21 7.18
N VAL A 33 -1.12 -5.97 7.20
CA VAL A 33 0.18 -5.59 6.74
C VAL A 33 1.03 -5.30 7.97
N SER A 34 2.15 -5.95 8.06
CA SER A 34 3.03 -5.81 9.18
C SER A 34 3.67 -4.42 9.21
N THR A 35 3.55 -3.74 10.35
CA THR A 35 4.12 -2.42 10.53
C THR A 35 5.63 -2.41 10.31
N ARG A 36 6.29 -3.48 10.71
CA ARG A 36 7.68 -3.66 10.47
C ARG A 36 7.78 -4.73 9.41
N GLY A 37 7.77 -4.32 8.19
CA GLY A 37 7.82 -5.21 7.09
C GLY A 37 7.46 -4.50 5.84
N ARG A 38 7.33 -5.23 4.78
CA ARG A 38 7.02 -4.66 3.49
C ARG A 38 5.53 -4.71 3.27
N ILE A 39 5.11 -4.24 2.14
CA ILE A 39 3.74 -4.36 1.76
C ILE A 39 3.66 -5.52 0.79
N PRO A 40 2.71 -6.44 0.98
CA PRO A 40 2.46 -7.50 0.02
C PRO A 40 2.20 -6.92 -1.35
N ALA A 41 2.92 -7.43 -2.33
CA ALA A 41 2.78 -7.01 -3.72
C ALA A 41 1.36 -7.29 -4.18
N ASP A 42 0.78 -8.33 -3.60
CA ASP A 42 -0.61 -8.69 -3.80
C ASP A 42 -1.51 -7.55 -3.38
N VAL A 43 -1.20 -6.96 -2.23
CA VAL A 43 -1.95 -5.82 -1.70
C VAL A 43 -1.76 -4.60 -2.60
N ILE A 44 -0.54 -4.38 -3.02
CA ILE A 44 -0.22 -3.24 -3.89
C ILE A 44 -0.96 -3.39 -5.23
N ASP A 45 -0.92 -4.58 -5.78
CA ASP A 45 -1.57 -4.88 -7.04
C ASP A 45 -3.06 -4.77 -6.91
N ALA A 46 -3.58 -5.25 -5.79
CA ALA A 46 -5.00 -5.16 -5.51
C ALA A 46 -5.41 -3.70 -5.38
N TYR A 47 -4.57 -2.91 -4.71
CA TYR A 47 -4.78 -1.48 -4.53
C TYR A 47 -4.85 -0.76 -5.88
N HIS A 48 -3.98 -1.16 -6.79
CA HIS A 48 -3.94 -0.57 -8.11
C HIS A 48 -5.07 -1.07 -9.01
N ALA A 49 -5.46 -2.32 -8.84
CA ALA A 49 -6.55 -2.89 -9.63
C ALA A 49 -7.91 -2.43 -9.11
N ALA A 50 -7.93 -2.01 -7.87
CA ALA A 50 -9.13 -1.51 -7.24
C ALA A 50 -9.36 -0.06 -7.62
N ASP A 51 -10.49 0.19 -8.20
CA ASP A 51 -10.88 1.53 -8.57
C ASP A 51 -12.36 1.60 -8.36
N MET A 4 11.58 -7.94 13.08
CA MET A 4 12.08 -6.82 12.28
C MET A 4 12.49 -5.64 13.15
N SER A 5 12.55 -5.84 14.46
CA SER A 5 12.99 -4.82 15.37
C SER A 5 14.47 -5.03 15.68
N GLY A 6 15.21 -3.95 15.79
CA GLY A 6 16.62 -4.05 16.07
C GLY A 6 17.06 -2.93 16.96
N SER A 7 18.31 -2.95 17.33
CA SER A 7 18.84 -1.90 18.16
C SER A 7 19.35 -0.77 17.29
N GLY A 8 18.45 0.11 16.94
CA GLY A 8 18.78 1.22 16.12
C GLY A 8 17.54 1.96 15.75
N ARG A 9 17.69 3.08 15.11
CA ARG A 9 16.55 3.86 14.74
C ARG A 9 16.28 3.71 13.28
N GLY A 10 15.43 2.76 12.94
CA GLY A 10 15.08 2.58 11.56
C GLY A 10 14.01 3.56 11.17
N ARG A 11 13.06 3.77 12.10
CA ARG A 11 11.91 4.70 11.99
C ARG A 11 10.88 4.22 10.98
N GLY A 12 11.34 3.83 9.85
CA GLY A 12 10.52 3.36 8.80
C GLY A 12 11.27 3.42 7.52
N ALA A 13 10.82 2.69 6.54
CA ALA A 13 11.48 2.68 5.28
C ALA A 13 10.51 3.16 4.24
N ILE A 14 10.92 4.15 3.50
CA ILE A 14 10.11 4.66 2.45
C ILE A 14 10.37 3.82 1.24
N ASP A 15 9.34 3.21 0.76
CA ASP A 15 9.43 2.33 -0.38
C ASP A 15 8.56 2.87 -1.48
N ARG A 16 9.10 2.87 -2.69
CA ARG A 16 8.42 3.35 -3.87
C ARG A 16 8.12 4.84 -3.77
N GLU A 17 7.03 5.19 -3.11
CA GLU A 17 6.65 6.57 -2.91
C GLU A 17 5.50 6.62 -1.90
N GLN A 18 4.35 6.11 -2.28
CA GLN A 18 3.20 6.10 -1.39
C GLN A 18 2.88 4.70 -0.92
N SER A 19 3.78 4.16 -0.17
CA SER A 19 3.66 2.83 0.35
C SER A 19 2.76 2.82 1.60
N ALA A 20 2.72 3.94 2.30
CA ALA A 20 1.92 4.03 3.50
C ALA A 20 0.45 4.10 3.13
N ALA A 21 0.17 4.68 1.97
CA ALA A 21 -1.19 4.79 1.44
C ALA A 21 -1.73 3.40 1.16
N ILE A 22 -0.86 2.56 0.61
CA ILE A 22 -1.20 1.19 0.31
C ILE A 22 -1.49 0.44 1.62
N ARG A 23 -0.65 0.68 2.62
CA ARG A 23 -0.82 0.08 3.94
C ARG A 23 -2.14 0.52 4.57
N GLU A 24 -2.42 1.81 4.53
CA GLU A 24 -3.66 2.36 5.07
C GLU A 24 -4.88 1.79 4.37
N TRP A 25 -4.81 1.69 3.06
CA TRP A 25 -5.88 1.10 2.26
C TRP A 25 -6.07 -0.37 2.70
N ALA A 26 -4.97 -1.06 2.87
CA ALA A 26 -4.95 -2.44 3.29
C ALA A 26 -5.59 -2.60 4.67
N ARG A 27 -5.25 -1.69 5.58
CA ARG A 27 -5.80 -1.68 6.94
C ARG A 27 -7.29 -1.35 6.91
N ARG A 28 -7.66 -0.47 6.00
CA ARG A 28 -9.05 -0.04 5.82
C ARG A 28 -9.91 -1.21 5.33
N ASN A 29 -9.33 -2.04 4.49
CA ASN A 29 -10.01 -3.25 4.02
C ASN A 29 -9.93 -4.35 5.07
N GLY A 30 -8.77 -4.51 5.63
CA GLY A 30 -8.57 -5.51 6.65
C GLY A 30 -7.62 -6.58 6.21
N HIS A 31 -6.64 -6.20 5.41
CA HIS A 31 -5.66 -7.14 4.93
C HIS A 31 -4.54 -7.24 5.95
N ASN A 32 -3.74 -8.25 5.83
CA ASN A 32 -2.64 -8.44 6.75
C ASN A 32 -1.40 -7.75 6.25
N VAL A 33 -1.25 -6.52 6.66
CA VAL A 33 -0.12 -5.70 6.30
C VAL A 33 0.31 -4.94 7.53
N SER A 34 1.48 -5.25 8.01
CA SER A 34 2.00 -4.64 9.20
C SER A 34 2.52 -3.23 8.92
N THR A 35 2.31 -2.35 9.86
CA THR A 35 2.78 -1.01 9.80
C THR A 35 4.31 -0.98 9.83
N ARG A 36 4.90 -0.30 8.84
CA ARG A 36 6.36 -0.22 8.64
C ARG A 36 6.96 -1.57 8.19
N GLY A 37 6.09 -2.55 7.92
CA GLY A 37 6.55 -3.86 7.55
C GLY A 37 6.34 -4.17 6.08
N ARG A 38 6.60 -5.39 5.71
CA ARG A 38 6.48 -5.87 4.33
C ARG A 38 5.07 -5.69 3.80
N ILE A 39 4.96 -5.12 2.62
CA ILE A 39 3.70 -4.98 1.97
C ILE A 39 3.61 -6.05 0.91
N PRO A 40 2.60 -6.92 0.96
CA PRO A 40 2.37 -7.92 -0.07
C PRO A 40 2.19 -7.27 -1.43
N ALA A 41 2.94 -7.76 -2.39
CA ALA A 41 2.90 -7.29 -3.76
C ALA A 41 1.51 -7.49 -4.34
N ASP A 42 0.85 -8.56 -3.90
CA ASP A 42 -0.52 -8.85 -4.30
C ASP A 42 -1.45 -7.79 -3.75
N VAL A 43 -1.13 -7.29 -2.56
CA VAL A 43 -1.91 -6.22 -1.95
C VAL A 43 -1.71 -4.92 -2.71
N ILE A 44 -0.49 -4.68 -3.13
CA ILE A 44 -0.15 -3.50 -3.94
C ILE A 44 -0.94 -3.53 -5.25
N ASP A 45 -0.95 -4.69 -5.87
CA ASP A 45 -1.67 -4.87 -7.15
C ASP A 45 -3.16 -4.73 -6.93
N ALA A 46 -3.65 -5.27 -5.83
CA ALA A 46 -5.04 -5.14 -5.44
C ALA A 46 -5.38 -3.67 -5.20
N TYR A 47 -4.47 -2.97 -4.54
CA TYR A 47 -4.59 -1.54 -4.27
C TYR A 47 -4.77 -0.76 -5.57
N HIS A 48 -3.97 -1.12 -6.55
CA HIS A 48 -4.03 -0.49 -7.85
C HIS A 48 -5.26 -0.89 -8.64
N ALA A 49 -5.64 -2.14 -8.56
CA ALA A 49 -6.79 -2.68 -9.29
C ALA A 49 -8.13 -2.24 -8.69
N ALA A 50 -8.12 -1.94 -7.41
CA ALA A 50 -9.33 -1.53 -6.72
C ALA A 50 -9.63 -0.06 -6.93
N ASP A 51 -10.79 0.19 -7.43
CA ASP A 51 -11.27 1.55 -7.61
C ASP A 51 -12.25 1.78 -6.50
N MET A 4 -18.78 25.82 2.10
CA MET A 4 -18.13 24.83 2.94
C MET A 4 -16.66 24.82 2.60
N SER A 5 -15.81 24.50 3.53
CA SER A 5 -14.39 24.46 3.27
C SER A 5 -13.99 23.01 2.93
N GLY A 6 -12.84 22.83 2.32
CA GLY A 6 -12.40 21.50 1.96
C GLY A 6 -12.35 21.29 0.47
N SER A 7 -12.51 22.36 -0.28
CA SER A 7 -12.49 22.29 -1.72
C SER A 7 -11.03 22.44 -2.23
N GLY A 8 -10.17 22.80 -1.32
CA GLY A 8 -8.77 22.97 -1.61
C GLY A 8 -8.07 23.27 -0.34
N ARG A 9 -6.80 23.70 -0.41
CA ARG A 9 -6.00 24.06 0.80
C ARG A 9 -5.72 22.78 1.63
N GLY A 10 -5.76 21.68 0.94
CA GLY A 10 -5.51 20.39 1.51
C GLY A 10 -5.30 19.41 0.40
N ARG A 11 -4.25 19.64 -0.36
CA ARG A 11 -3.94 18.84 -1.53
C ARG A 11 -3.37 17.50 -1.13
N GLY A 12 -2.26 17.54 -0.44
CA GLY A 12 -1.62 16.34 -0.02
C GLY A 12 -0.13 16.48 -0.09
N ALA A 13 0.53 15.43 -0.46
CA ALA A 13 1.96 15.41 -0.56
C ALA A 13 2.29 15.40 -2.02
N ILE A 14 3.49 15.04 -2.35
CA ILE A 14 3.86 14.99 -3.71
C ILE A 14 4.02 13.54 -4.09
N ASP A 15 3.42 13.15 -5.19
CA ASP A 15 3.46 11.77 -5.64
C ASP A 15 4.86 11.33 -6.01
N ARG A 16 5.42 10.49 -5.17
CA ARG A 16 6.72 9.88 -5.40
C ARG A 16 6.56 8.44 -5.02
N GLU A 17 6.15 8.27 -3.80
CA GLU A 17 6.01 6.99 -3.19
C GLU A 17 4.61 6.90 -2.61
N GLN A 18 3.86 5.93 -3.05
CA GLN A 18 2.61 5.63 -2.42
C GLN A 18 2.81 4.35 -1.66
N SER A 19 3.05 4.49 -0.40
CA SER A 19 3.25 3.36 0.45
C SER A 19 2.27 3.40 1.61
N ALA A 20 2.24 4.55 2.28
CA ALA A 20 1.36 4.79 3.41
C ALA A 20 -0.07 4.64 2.99
N ALA A 21 -0.40 5.20 1.84
CA ALA A 21 -1.74 5.16 1.30
C ALA A 21 -2.18 3.72 1.01
N ILE A 22 -1.23 2.89 0.59
CA ILE A 22 -1.53 1.50 0.31
C ILE A 22 -1.76 0.78 1.63
N ARG A 23 -0.89 1.02 2.61
CA ARG A 23 -1.02 0.41 3.94
C ARG A 23 -2.34 0.78 4.59
N GLU A 24 -2.71 2.03 4.45
CA GLU A 24 -3.93 2.53 5.04
C GLU A 24 -5.16 2.00 4.33
N TRP A 25 -5.10 1.92 3.02
CA TRP A 25 -6.19 1.32 2.22
C TRP A 25 -6.36 -0.14 2.64
N ALA A 26 -5.24 -0.82 2.72
CA ALA A 26 -5.19 -2.21 3.05
C ALA A 26 -5.74 -2.48 4.42
N ARG A 27 -5.30 -1.74 5.39
CA ARG A 27 -5.75 -1.93 6.75
C ARG A 27 -7.13 -1.35 6.98
N ARG A 28 -7.57 -0.48 6.08
CA ARG A 28 -8.94 0.02 6.11
C ARG A 28 -9.87 -1.13 5.73
N ASN A 29 -9.43 -1.89 4.71
CA ASN A 29 -10.16 -3.10 4.29
C ASN A 29 -10.02 -4.21 5.30
N GLY A 30 -8.82 -4.36 5.81
CA GLY A 30 -8.56 -5.40 6.76
C GLY A 30 -7.63 -6.44 6.21
N HIS A 31 -6.77 -6.02 5.29
CA HIS A 31 -5.78 -6.93 4.72
C HIS A 31 -4.62 -7.01 5.69
N ASN A 32 -3.84 -8.06 5.60
CA ASN A 32 -2.75 -8.27 6.54
C ASN A 32 -1.50 -7.56 6.08
N VAL A 33 -1.34 -6.35 6.53
CA VAL A 33 -0.21 -5.54 6.19
C VAL A 33 0.45 -5.04 7.45
N SER A 34 1.60 -5.57 7.73
CA SER A 34 2.36 -5.16 8.85
C SER A 34 3.01 -3.83 8.52
N THR A 35 2.86 -2.87 9.41
CA THR A 35 3.41 -1.55 9.20
C THR A 35 4.93 -1.58 9.28
N ARG A 36 5.45 -2.52 10.04
CA ARG A 36 6.86 -2.74 10.12
C ARG A 36 7.21 -4.06 9.48
N GLY A 37 7.45 -4.01 8.21
CA GLY A 37 7.79 -5.19 7.49
C GLY A 37 7.87 -4.90 6.02
N ARG A 38 6.81 -5.17 5.33
CA ARG A 38 6.73 -4.97 3.90
C ARG A 38 5.28 -4.96 3.52
N ILE A 39 4.95 -4.21 2.52
CA ILE A 39 3.63 -4.22 1.99
C ILE A 39 3.54 -5.40 1.03
N PRO A 40 2.58 -6.30 1.24
CA PRO A 40 2.33 -7.41 0.33
C PRO A 40 2.11 -6.91 -1.09
N ALA A 41 2.86 -7.45 -2.01
CA ALA A 41 2.76 -7.11 -3.42
C ALA A 41 1.37 -7.46 -3.94
N ASP A 42 0.79 -8.48 -3.32
CA ASP A 42 -0.59 -8.87 -3.59
C ASP A 42 -1.52 -7.73 -3.22
N VAL A 43 -1.24 -7.09 -2.10
CA VAL A 43 -2.00 -5.94 -1.63
C VAL A 43 -1.78 -4.76 -2.57
N ILE A 44 -0.54 -4.56 -2.97
CA ILE A 44 -0.19 -3.48 -3.89
C ILE A 44 -0.95 -3.63 -5.21
N ASP A 45 -0.94 -4.84 -5.75
CA ASP A 45 -1.62 -5.12 -7.01
C ASP A 45 -3.11 -4.95 -6.85
N ALA A 46 -3.60 -5.34 -5.68
CA ALA A 46 -5.01 -5.19 -5.35
C ALA A 46 -5.38 -3.72 -5.25
N TYR A 47 -4.50 -2.93 -4.65
CA TYR A 47 -4.68 -1.47 -4.52
C TYR A 47 -4.74 -0.83 -5.90
N HIS A 48 -3.93 -1.32 -6.80
CA HIS A 48 -3.90 -0.81 -8.16
C HIS A 48 -5.07 -1.33 -9.01
N ALA A 49 -5.58 -2.50 -8.67
CA ALA A 49 -6.70 -3.06 -9.42
C ALA A 49 -8.04 -2.53 -8.95
N ALA A 50 -8.17 -2.32 -7.66
CA ALA A 50 -9.41 -1.83 -7.07
C ALA A 50 -9.54 -0.33 -7.25
N ASP A 51 -10.63 0.06 -7.86
CA ASP A 51 -10.91 1.46 -8.11
C ASP A 51 -11.57 2.08 -6.89
N MET A 4 -13.13 -4.27 -31.48
CA MET A 4 -11.88 -3.52 -31.44
C MET A 4 -11.39 -3.50 -30.02
N SER A 5 -10.43 -4.32 -29.72
CA SER A 5 -9.92 -4.41 -28.39
C SER A 5 -8.86 -3.34 -28.18
N GLY A 6 -9.27 -2.24 -27.63
CA GLY A 6 -8.34 -1.21 -27.31
C GLY A 6 -7.94 -1.31 -25.88
N SER A 7 -6.84 -1.96 -25.63
CA SER A 7 -6.33 -2.17 -24.30
C SER A 7 -5.90 -0.83 -23.69
N GLY A 8 -6.77 -0.25 -22.88
CA GLY A 8 -6.49 1.04 -22.32
C GLY A 8 -7.01 1.18 -20.93
N ARG A 9 -6.67 0.27 -20.06
CA ARG A 9 -7.02 0.37 -18.66
C ARG A 9 -5.96 1.22 -17.97
N GLY A 10 -4.73 0.88 -18.25
CA GLY A 10 -3.63 1.58 -17.68
C GLY A 10 -2.40 1.33 -18.47
N ARG A 11 -1.38 2.08 -18.21
CA ARG A 11 -0.12 1.94 -18.89
C ARG A 11 0.76 1.00 -18.09
N GLY A 12 0.86 1.30 -16.83
CA GLY A 12 1.62 0.51 -15.93
C GLY A 12 1.26 0.89 -14.53
N ALA A 13 0.91 -0.06 -13.73
CA ALA A 13 0.54 0.22 -12.39
C ALA A 13 1.75 0.05 -11.55
N ILE A 14 2.52 1.09 -11.51
CA ILE A 14 3.79 1.07 -10.89
C ILE A 14 3.75 1.96 -9.67
N ASP A 15 4.07 1.39 -8.55
CA ASP A 15 4.07 2.11 -7.30
C ASP A 15 5.32 2.97 -7.19
N ARG A 16 5.11 4.22 -6.89
CA ARG A 16 6.18 5.18 -6.72
C ARG A 16 5.88 6.04 -5.51
N GLU A 17 4.73 6.65 -5.54
CA GLU A 17 4.29 7.50 -4.46
C GLU A 17 3.28 6.75 -3.58
N GLN A 18 2.60 5.80 -4.20
CA GLN A 18 1.67 4.93 -3.52
C GLN A 18 2.41 3.96 -2.61
N SER A 19 2.28 4.15 -1.33
CA SER A 19 2.86 3.26 -0.35
C SER A 19 2.07 3.34 0.96
N ALA A 20 2.07 4.51 1.58
CA ALA A 20 1.34 4.74 2.83
C ALA A 20 -0.16 4.62 2.58
N ALA A 21 -0.59 5.15 1.44
CA ALA A 21 -1.98 5.08 1.03
C ALA A 21 -2.40 3.63 0.83
N ILE A 22 -1.45 2.80 0.39
CA ILE A 22 -1.71 1.39 0.18
C ILE A 22 -1.93 0.72 1.52
N ARG A 23 -1.10 1.08 2.50
CA ARG A 23 -1.22 0.54 3.85
C ARG A 23 -2.57 0.88 4.45
N GLU A 24 -2.98 2.13 4.27
CA GLU A 24 -4.23 2.57 4.84
C GLU A 24 -5.44 2.02 4.08
N TRP A 25 -5.28 1.81 2.79
CA TRP A 25 -6.30 1.13 2.00
C TRP A 25 -6.43 -0.31 2.47
N ALA A 26 -5.30 -0.88 2.82
CA ALA A 26 -5.23 -2.22 3.34
C ALA A 26 -5.98 -2.28 4.67
N ARG A 27 -5.79 -1.25 5.50
CA ARG A 27 -6.50 -1.13 6.79
C ARG A 27 -7.99 -1.00 6.51
N ARG A 28 -8.30 -0.15 5.52
CA ARG A 28 -9.66 0.15 5.05
C ARG A 28 -10.40 -1.15 4.68
N ASN A 29 -9.72 -2.02 3.98
CA ASN A 29 -10.28 -3.31 3.61
C ASN A 29 -10.30 -4.25 4.77
N GLY A 30 -9.16 -4.43 5.38
CA GLY A 30 -9.06 -5.32 6.51
C GLY A 30 -7.90 -6.28 6.37
N HIS A 31 -6.80 -5.79 5.84
CA HIS A 31 -5.62 -6.60 5.69
C HIS A 31 -4.67 -6.22 6.81
N ASN A 32 -4.10 -7.18 7.48
CA ASN A 32 -3.22 -6.90 8.59
C ASN A 32 -1.82 -6.56 8.13
N VAL A 33 -1.67 -5.40 7.54
CA VAL A 33 -0.37 -4.95 7.09
C VAL A 33 0.35 -4.29 8.26
N SER A 34 0.86 -5.14 9.10
CA SER A 34 1.59 -4.76 10.27
C SER A 34 2.75 -5.70 10.42
N THR A 35 3.53 -5.77 9.37
CA THR A 35 4.66 -6.61 9.32
C THR A 35 5.88 -5.90 9.92
N ARG A 36 6.60 -5.18 9.10
CA ARG A 36 7.73 -4.36 9.51
C ARG A 36 7.79 -3.17 8.58
N GLY A 37 7.96 -3.47 7.31
CA GLY A 37 8.03 -2.44 6.32
C GLY A 37 7.71 -2.96 4.94
N ARG A 38 7.83 -4.25 4.74
CA ARG A 38 7.54 -4.85 3.46
C ARG A 38 6.05 -4.93 3.26
N ILE A 39 5.57 -4.23 2.28
CA ILE A 39 4.19 -4.25 1.93
C ILE A 39 3.96 -5.41 0.97
N PRO A 40 2.96 -6.28 1.25
CA PRO A 40 2.58 -7.36 0.35
C PRO A 40 2.32 -6.87 -1.06
N ALA A 41 3.02 -7.46 -2.00
CA ALA A 41 2.90 -7.16 -3.42
C ALA A 41 1.48 -7.40 -3.88
N ASP A 42 0.86 -8.42 -3.30
CA ASP A 42 -0.55 -8.74 -3.55
C ASP A 42 -1.42 -7.58 -3.15
N VAL A 43 -1.09 -6.97 -2.02
CA VAL A 43 -1.83 -5.81 -1.52
C VAL A 43 -1.63 -4.62 -2.46
N ILE A 44 -0.42 -4.44 -2.93
CA ILE A 44 -0.08 -3.35 -3.84
C ILE A 44 -0.84 -3.50 -5.18
N ASP A 45 -0.80 -4.68 -5.75
CA ASP A 45 -1.49 -4.93 -7.02
C ASP A 45 -2.98 -4.85 -6.86
N ALA A 46 -3.46 -5.30 -5.72
CA ALA A 46 -4.87 -5.21 -5.41
C ALA A 46 -5.29 -3.75 -5.30
N TYR A 47 -4.46 -2.95 -4.64
CA TYR A 47 -4.70 -1.53 -4.47
C TYR A 47 -4.80 -0.84 -5.83
N HIS A 48 -3.85 -1.14 -6.69
CA HIS A 48 -3.80 -0.54 -8.01
C HIS A 48 -4.92 -1.03 -8.93
N ALA A 49 -5.39 -2.25 -8.73
CA ALA A 49 -6.47 -2.77 -9.56
C ALA A 49 -7.83 -2.30 -9.06
N ALA A 50 -7.97 -2.21 -7.75
CA ALA A 50 -9.22 -1.83 -7.14
C ALA A 50 -9.43 -0.33 -7.16
N ASP A 51 -10.63 0.06 -7.45
CA ASP A 51 -11.01 1.45 -7.45
C ASP A 51 -11.98 1.68 -6.33
N MET A 4 -12.65 33.59 12.55
CA MET A 4 -11.62 33.32 11.57
C MET A 4 -12.22 32.69 10.34
N SER A 5 -11.45 32.61 9.30
CA SER A 5 -11.85 32.01 8.05
C SER A 5 -10.60 31.33 7.47
N GLY A 6 -9.78 30.83 8.36
CA GLY A 6 -8.53 30.25 8.00
C GLY A 6 -8.64 28.79 7.64
N SER A 7 -9.42 28.51 6.64
CA SER A 7 -9.56 27.19 6.14
C SER A 7 -8.48 26.95 5.09
N GLY A 8 -7.39 26.36 5.51
CA GLY A 8 -6.26 26.20 4.64
C GLY A 8 -6.24 24.89 3.91
N ARG A 9 -7.36 24.46 3.39
CA ARG A 9 -7.39 23.24 2.63
C ARG A 9 -7.07 23.51 1.19
N GLY A 10 -5.83 23.34 0.85
CA GLY A 10 -5.39 23.52 -0.50
C GLY A 10 -5.51 22.23 -1.21
N ARG A 11 -6.57 22.08 -1.96
CA ARG A 11 -6.83 20.85 -2.67
C ARG A 11 -5.89 20.64 -3.82
N GLY A 12 -4.88 19.89 -3.53
CA GLY A 12 -3.92 19.49 -4.50
C GLY A 12 -3.50 18.10 -4.19
N ALA A 13 -3.78 17.19 -5.07
CA ALA A 13 -3.48 15.81 -4.86
C ALA A 13 -2.33 15.43 -5.72
N ILE A 14 -1.27 15.07 -5.09
CA ILE A 14 -0.07 14.76 -5.77
C ILE A 14 -0.02 13.28 -6.06
N ASP A 15 0.13 12.95 -7.29
CA ASP A 15 0.19 11.57 -7.70
C ASP A 15 1.62 11.13 -7.73
N ARG A 16 1.93 10.14 -6.93
CA ARG A 16 3.27 9.63 -6.78
C ARG A 16 3.18 8.32 -6.06
N GLU A 17 4.30 7.76 -5.70
CA GLU A 17 4.34 6.53 -4.96
C GLU A 17 3.91 6.80 -3.51
N GLN A 18 2.66 6.58 -3.22
CA GLN A 18 2.21 6.72 -1.86
C GLN A 18 2.10 5.36 -1.24
N SER A 19 3.22 4.85 -0.79
CA SER A 19 3.28 3.54 -0.17
C SER A 19 2.47 3.53 1.13
N ALA A 20 2.46 4.69 1.79
CA ALA A 20 1.72 4.87 3.02
C ALA A 20 0.24 4.70 2.77
N ALA A 21 -0.26 5.36 1.72
CA ALA A 21 -1.68 5.32 1.36
C ALA A 21 -2.13 3.91 1.06
N ILE A 22 -1.27 3.15 0.38
CA ILE A 22 -1.54 1.76 0.04
C ILE A 22 -1.70 0.92 1.32
N ARG A 23 -0.81 1.15 2.28
CA ARG A 23 -0.86 0.46 3.58
C ARG A 23 -2.14 0.82 4.32
N GLU A 24 -2.45 2.10 4.34
CA GLU A 24 -3.62 2.61 5.03
C GLU A 24 -4.90 2.07 4.40
N TRP A 25 -4.92 2.03 3.07
CA TRP A 25 -6.00 1.46 2.29
C TRP A 25 -6.19 0.01 2.69
N ALA A 26 -5.10 -0.71 2.74
CA ALA A 26 -5.09 -2.10 3.10
C ALA A 26 -5.64 -2.31 4.49
N ARG A 27 -5.14 -1.54 5.43
CA ARG A 27 -5.59 -1.62 6.80
C ARG A 27 -7.00 -1.04 6.98
N ARG A 28 -7.49 -0.30 5.99
CA ARG A 28 -8.85 0.23 6.04
C ARG A 28 -9.82 -0.89 5.67
N ASN A 29 -9.46 -1.59 4.63
CA ASN A 29 -10.26 -2.66 4.05
C ASN A 29 -10.21 -3.90 4.89
N GLY A 30 -9.02 -4.31 5.24
CA GLY A 30 -8.84 -5.52 5.99
C GLY A 30 -7.86 -6.44 5.32
N HIS A 31 -6.86 -5.86 4.69
CA HIS A 31 -5.80 -6.62 4.08
C HIS A 31 -4.66 -6.62 5.08
N ASN A 32 -4.00 -7.73 5.19
CA ASN A 32 -2.98 -7.90 6.19
C ASN A 32 -1.63 -7.34 5.79
N VAL A 33 -1.41 -6.12 6.21
CA VAL A 33 -0.13 -5.48 6.04
C VAL A 33 0.40 -5.21 7.43
N SER A 34 1.50 -5.85 7.75
CA SER A 34 2.11 -5.73 9.05
C SER A 34 2.52 -4.27 9.34
N THR A 35 2.43 -3.92 10.62
CA THR A 35 2.76 -2.59 11.08
C THR A 35 4.23 -2.27 10.80
N ARG A 36 5.04 -3.30 10.89
CA ARG A 36 6.42 -3.25 10.56
C ARG A 36 6.70 -4.49 9.73
N GLY A 37 7.30 -4.32 8.59
CA GLY A 37 7.56 -5.44 7.74
C GLY A 37 7.65 -5.01 6.31
N ARG A 38 7.10 -5.79 5.42
CA ARG A 38 7.18 -5.49 4.01
C ARG A 38 5.79 -5.28 3.46
N ILE A 39 5.65 -4.30 2.60
CA ILE A 39 4.39 -4.04 1.94
C ILE A 39 4.19 -5.12 0.87
N PRO A 40 3.11 -5.90 0.96
CA PRO A 40 2.82 -6.93 -0.02
C PRO A 40 2.58 -6.33 -1.40
N ALA A 41 3.33 -6.81 -2.36
CA ALA A 41 3.20 -6.38 -3.73
C ALA A 41 1.84 -6.74 -4.24
N ASP A 42 1.32 -7.85 -3.73
CA ASP A 42 -0.01 -8.33 -4.06
C ASP A 42 -1.05 -7.33 -3.56
N VAL A 43 -0.77 -6.72 -2.41
CA VAL A 43 -1.63 -5.67 -1.87
C VAL A 43 -1.56 -4.43 -2.75
N ILE A 44 -0.37 -4.15 -3.26
CA ILE A 44 -0.20 -3.05 -4.19
C ILE A 44 -1.00 -3.32 -5.48
N ASP A 45 -0.93 -4.55 -5.97
CA ASP A 45 -1.71 -4.96 -7.15
C ASP A 45 -3.19 -4.85 -6.85
N ALA A 46 -3.55 -5.27 -5.65
CA ALA A 46 -4.91 -5.17 -5.17
C ALA A 46 -5.36 -3.72 -5.16
N TYR A 47 -4.52 -2.85 -4.62
CA TYR A 47 -4.80 -1.40 -4.55
C TYR A 47 -5.03 -0.83 -5.95
N HIS A 48 -4.25 -1.31 -6.89
CA HIS A 48 -4.35 -0.85 -8.25
C HIS A 48 -5.49 -1.52 -9.05
N ALA A 49 -5.99 -2.64 -8.57
CA ALA A 49 -7.12 -3.32 -9.24
C ALA A 49 -8.47 -3.03 -8.58
N ALA A 50 -8.46 -2.89 -7.28
CA ALA A 50 -9.66 -2.72 -6.49
C ALA A 50 -10.27 -1.35 -6.63
N ASP A 51 -11.53 -1.30 -6.31
CA ASP A 51 -12.30 -0.10 -6.33
C ASP A 51 -12.21 0.53 -4.96
N MET A 4 8.07 11.03 24.31
CA MET A 4 9.01 11.63 23.38
C MET A 4 9.01 10.88 22.09
N SER A 5 9.85 11.33 21.15
CA SER A 5 10.05 10.74 19.85
C SER A 5 8.85 10.96 18.94
N GLY A 6 8.99 11.92 18.07
CA GLY A 6 7.98 12.21 17.11
C GLY A 6 8.46 11.74 15.77
N SER A 7 7.81 12.12 14.73
CA SER A 7 8.25 11.77 13.43
C SER A 7 9.23 12.81 12.92
N GLY A 8 10.50 12.61 13.25
CA GLY A 8 11.54 13.48 12.75
C GLY A 8 11.74 13.17 11.31
N ARG A 9 11.18 13.97 10.47
CA ARG A 9 11.14 13.67 9.08
C ARG A 9 11.69 14.82 8.28
N GLY A 10 12.52 14.50 7.36
CA GLY A 10 13.11 15.44 6.49
C GLY A 10 12.93 14.95 5.10
N ARG A 11 11.68 14.95 4.66
CA ARG A 11 11.24 14.46 3.37
C ARG A 11 11.32 12.94 3.28
N GLY A 12 10.20 12.32 3.39
CA GLY A 12 10.08 10.90 3.36
C GLY A 12 8.66 10.53 3.06
N ALA A 13 8.49 9.40 2.36
CA ALA A 13 7.18 8.91 1.91
C ALA A 13 6.66 9.83 0.86
N ILE A 14 7.37 9.80 -0.23
CA ILE A 14 7.18 10.65 -1.36
C ILE A 14 5.87 10.34 -2.04
N ASP A 15 5.10 11.35 -2.28
CA ASP A 15 3.80 11.19 -2.91
C ASP A 15 3.93 11.04 -4.39
N ARG A 16 4.32 9.85 -4.76
CA ARG A 16 4.53 9.40 -6.12
C ARG A 16 4.75 7.92 -5.99
N GLU A 17 5.63 7.57 -5.08
CA GLU A 17 5.86 6.20 -4.72
C GLU A 17 5.15 5.97 -3.40
N GLN A 18 3.86 5.80 -3.47
CA GLN A 18 3.09 5.58 -2.30
C GLN A 18 3.16 4.17 -1.84
N SER A 19 3.36 4.03 -0.58
CA SER A 19 3.43 2.77 0.06
C SER A 19 2.66 2.85 1.36
N ALA A 20 2.79 4.00 2.06
CA ALA A 20 2.08 4.25 3.28
C ALA A 20 0.58 4.16 3.06
N ALA A 21 0.10 4.84 2.02
CA ALA A 21 -1.32 4.85 1.66
C ALA A 21 -1.82 3.44 1.36
N ILE A 22 -0.97 2.62 0.77
CA ILE A 22 -1.34 1.26 0.41
C ILE A 22 -1.55 0.43 1.69
N ARG A 23 -0.69 0.65 2.70
CA ARG A 23 -0.82 -0.05 3.99
C ARG A 23 -2.14 0.35 4.63
N GLU A 24 -2.38 1.65 4.61
CA GLU A 24 -3.57 2.23 5.23
C GLU A 24 -4.84 1.70 4.56
N TRP A 25 -4.83 1.72 3.23
CA TRP A 25 -5.92 1.16 2.43
C TRP A 25 -6.13 -0.32 2.77
N ALA A 26 -5.03 -1.03 2.92
CA ALA A 26 -5.03 -2.43 3.25
C ALA A 26 -5.68 -2.66 4.61
N ARG A 27 -5.39 -1.81 5.57
CA ARG A 27 -5.96 -1.93 6.89
C ARG A 27 -7.42 -1.55 6.91
N ARG A 28 -7.82 -0.63 6.03
CA ARG A 28 -9.23 -0.27 5.89
C ARG A 28 -10.03 -1.46 5.36
N ASN A 29 -9.45 -2.16 4.40
CA ASN A 29 -10.09 -3.36 3.84
C ASN A 29 -10.00 -4.54 4.77
N GLY A 30 -8.93 -4.61 5.51
CA GLY A 30 -8.76 -5.68 6.45
C GLY A 30 -7.77 -6.71 5.97
N HIS A 31 -6.72 -6.25 5.34
CA HIS A 31 -5.67 -7.12 4.87
C HIS A 31 -4.61 -7.19 5.94
N ASN A 32 -3.70 -8.12 5.85
CA ASN A 32 -2.70 -8.31 6.88
C ASN A 32 -1.46 -7.47 6.64
N VAL A 33 -1.54 -6.23 7.08
CA VAL A 33 -0.45 -5.28 7.01
C VAL A 33 -0.50 -4.46 8.29
N SER A 34 0.54 -4.45 9.05
CA SER A 34 0.55 -3.66 10.24
C SER A 34 1.25 -2.32 9.98
N THR A 35 2.57 -2.31 10.04
CA THR A 35 3.32 -1.10 9.83
C THR A 35 4.54 -1.34 8.94
N ARG A 36 5.35 -2.32 9.29
CA ARG A 36 6.53 -2.63 8.50
C ARG A 36 6.40 -3.96 7.79
N GLY A 37 7.44 -4.31 7.05
CA GLY A 37 7.40 -5.50 6.24
C GLY A 37 7.03 -5.12 4.83
N ARG A 38 7.22 -3.84 4.57
CA ARG A 38 6.88 -3.19 3.33
C ARG A 38 5.38 -3.29 3.09
N ILE A 39 5.00 -4.04 2.09
CA ILE A 39 3.62 -4.27 1.70
C ILE A 39 3.63 -5.52 0.85
N PRO A 40 2.70 -6.46 1.08
CA PRO A 40 2.52 -7.60 0.20
C PRO A 40 2.27 -7.12 -1.21
N ALA A 41 2.99 -7.68 -2.16
CA ALA A 41 2.85 -7.35 -3.57
C ALA A 41 1.44 -7.61 -4.03
N ASP A 42 0.83 -8.62 -3.43
CA ASP A 42 -0.56 -8.96 -3.70
C ASP A 42 -1.46 -7.82 -3.27
N VAL A 43 -1.10 -7.19 -2.16
CA VAL A 43 -1.86 -6.05 -1.66
C VAL A 43 -1.66 -4.84 -2.56
N ILE A 44 -0.46 -4.67 -3.05
CA ILE A 44 -0.14 -3.58 -3.98
C ILE A 44 -0.95 -3.76 -5.27
N ASP A 45 -1.00 -4.99 -5.76
CA ASP A 45 -1.78 -5.34 -6.95
C ASP A 45 -3.25 -5.04 -6.71
N ALA A 46 -3.70 -5.39 -5.53
CA ALA A 46 -5.05 -5.14 -5.12
C ALA A 46 -5.34 -3.63 -5.07
N TYR A 47 -4.41 -2.86 -4.51
CA TYR A 47 -4.52 -1.40 -4.42
C TYR A 47 -4.58 -0.78 -5.82
N HIS A 48 -3.75 -1.27 -6.70
CA HIS A 48 -3.70 -0.79 -8.07
C HIS A 48 -4.93 -1.21 -8.87
N ALA A 49 -5.52 -2.32 -8.50
CA ALA A 49 -6.73 -2.80 -9.15
C ALA A 49 -7.98 -2.11 -8.58
N ALA A 50 -7.97 -1.84 -7.30
CA ALA A 50 -9.09 -1.23 -6.63
C ALA A 50 -9.27 0.22 -7.02
N ASP A 51 -10.47 0.54 -7.41
CA ASP A 51 -10.88 1.87 -7.76
C ASP A 51 -12.35 1.92 -7.68
#